data_5QDB
#
_entry.id   5QDB
#
_cell.length_a   81.661
_cell.length_b   103.353
_cell.length_c   99.474
_cell.angle_alpha   90.00
_cell.angle_beta   103.72
_cell.angle_gamma   90.00
#
_symmetry.space_group_name_H-M   'P 1 21 1'
#
loop_
_entity.id
_entity.type
_entity.pdbx_description
1 polymer 'Beta-secretase 1'
2 non-polymer '(3S,14R,16S)-16-[(1R)-1-hydroxy-2-{[3-(1-methylethyl)benzyl]amino}ethyl]-3,4,14-trimethyl-1,4-diazacyclohexadecane-2,5- dione'
3 water water
#
_entity_poly.entity_id   1
_entity_poly.type   'polypeptide(L)'
_entity_poly.pdbx_seq_one_letter_code
;GPDEEPEEPGRRGSFVEMVDNLRGKSGQGYYVEMTVGSPPQTLNILVDTGSSNFAVGAAPHPFLHRYYQRQLSSTYRDLR
KGVYVPYTQGKWEGELGTDLVSIPHGPNVTVRANIAAITESDKFFINGSNWEGILGLAYAEIARPDDSLEPFFDSLVKQT
HVPNLFSLQLCGAGFPLNQSEVLASVGGSMIIGGIDHSLYTGSLWYTPIRREWYYEVIIVRVEINGQDLKMDCKEYNYDK
SIVDSGTTNLRLPKKVFEAAVKSIKAASSTEKFPDGFWLGEQLVCWQAGTTPWNIFPVISLYLMGEVTNQSFRITILPQQ
YLRPVEDVATSQDDCYKFAISQSSTGTVMGAVIMEGFYVVFDRARKRIGFAVSACHVHDEFRTAAVEGPFVTLDMEDCGY
NI
;
_entity_poly.pdbx_strand_id   A,B,C
#
loop_
_chem_comp.id
_chem_comp.type
_chem_comp.name
_chem_comp.formula
BAV non-polymer '(3S,14R,16S)-16-[(1R)-1-hydroxy-2-{[3-(1-methylethyl)benzyl]amino}ethyl]-3,4,14-trimethyl-1,4-diazacyclohexadecane-2,5- dione' 'C29 H49 N3 O3'
#
# COMPACT_ATOMS: atom_id res chain seq x y z
N SER A 14 28.06 6.72 -25.23
CA SER A 14 27.77 5.67 -26.22
C SER A 14 26.64 4.76 -25.72
N PHE A 15 25.57 5.40 -25.24
CA PHE A 15 24.43 4.65 -24.75
C PHE A 15 23.60 4.04 -25.87
N VAL A 16 23.75 4.53 -27.11
CA VAL A 16 22.94 3.99 -28.20
C VAL A 16 23.14 2.49 -28.34
N GLU A 17 24.34 1.98 -27.98
CA GLU A 17 24.64 0.55 -28.06
C GLU A 17 23.80 -0.28 -27.09
N MET A 18 23.23 0.35 -26.07
CA MET A 18 22.44 -0.33 -25.07
C MET A 18 20.94 -0.12 -25.26
N VAL A 19 20.55 0.76 -26.18
CA VAL A 19 19.12 0.91 -26.47
C VAL A 19 18.61 -0.42 -27.03
N ASP A 20 17.42 -0.82 -26.56
CA ASP A 20 16.76 -2.05 -27.02
C ASP A 20 17.55 -3.32 -26.68
N ASN A 21 18.32 -3.31 -25.59
CA ASN A 21 19.08 -4.50 -25.22
C ASN A 21 18.30 -5.45 -24.32
N LEU A 22 17.02 -5.18 -24.06
CA LEU A 22 16.16 -6.05 -23.27
C LEU A 22 15.08 -6.68 -24.14
N ARG A 23 14.74 -7.93 -23.79
CA ARG A 23 13.63 -8.65 -24.39
C ARG A 23 12.89 -9.37 -23.28
N GLY A 24 11.69 -9.85 -23.59
CA GLY A 24 10.96 -10.64 -22.62
C GLY A 24 9.63 -11.07 -23.18
N LYS A 25 8.89 -11.80 -22.35
CA LYS A 25 7.50 -12.17 -22.62
C LYS A 25 6.64 -11.65 -21.48
N SER A 26 5.42 -11.24 -21.83
CA SER A 26 4.50 -10.69 -20.84
C SER A 26 4.39 -11.61 -19.63
N GLY A 27 4.57 -11.04 -18.44
CA GLY A 27 4.50 -11.81 -17.21
C GLY A 27 5.67 -12.71 -16.94
N GLN A 28 6.74 -12.63 -17.75
CA GLN A 28 7.89 -13.50 -17.57
C GLN A 28 9.18 -12.71 -17.44
N GLY A 29 9.07 -11.41 -17.17
CA GLY A 29 10.23 -10.58 -16.90
C GLY A 29 10.94 -10.09 -18.16
N TYR A 30 11.96 -9.27 -17.91
CA TYR A 30 12.81 -8.69 -18.94
C TYR A 30 14.22 -9.21 -18.76
N TYR A 31 14.87 -9.63 -19.85
CA TYR A 31 16.20 -10.20 -19.70
C TYR A 31 17.18 -9.50 -20.62
N VAL A 32 18.45 -9.56 -20.23
CA VAL A 32 19.57 -8.98 -20.97
C VAL A 32 20.56 -10.09 -21.26
N GLU A 33 21.25 -9.96 -22.39
CA GLU A 33 22.24 -10.96 -22.76
C GLU A 33 23.54 -10.70 -22.03
N MET A 34 24.14 -11.78 -21.49
CA MET A 34 25.42 -11.67 -20.80
C MET A 34 26.31 -12.82 -21.23
N THR A 35 27.59 -12.72 -20.89
CA THR A 35 28.50 -13.84 -21.02
C THR A 35 29.23 -14.02 -19.71
N VAL A 36 29.52 -15.27 -19.37
CA VAL A 36 30.29 -15.62 -18.17
C VAL A 36 31.38 -16.60 -18.57
N GLY A 37 32.56 -16.44 -17.96
CA GLY A 37 33.63 -17.41 -18.12
C GLY A 37 34.51 -17.17 -19.34
N SER A 38 35.56 -17.98 -19.43
CA SER A 38 36.54 -17.93 -20.51
C SER A 38 36.75 -19.35 -21.02
N PRO A 39 36.42 -19.67 -22.28
CA PRO A 39 35.77 -18.80 -23.29
C PRO A 39 34.33 -18.40 -22.91
N PRO A 40 33.87 -17.24 -23.41
CA PRO A 40 32.58 -16.69 -22.97
C PRO A 40 31.43 -17.63 -23.27
N GLN A 41 30.57 -17.84 -22.27
CA GLN A 41 29.35 -18.61 -22.40
C GLN A 41 28.17 -17.64 -22.40
N THR A 42 27.37 -17.67 -23.46
CA THR A 42 26.28 -16.70 -23.59
C THR A 42 25.05 -17.18 -22.82
N LEU A 43 24.48 -16.29 -22.01
CA LEU A 43 23.26 -16.60 -21.25
C LEU A 43 22.37 -15.35 -21.20
N ASN A 44 21.07 -15.59 -21.20
CA ASN A 44 20.08 -14.51 -21.02
C ASN A 44 19.71 -14.41 -19.56
N ILE A 45 19.80 -13.21 -19.00
CA ILE A 45 19.73 -12.99 -17.57
C ILE A 45 18.60 -12.04 -17.24
N LEU A 46 17.70 -12.48 -16.34
CA LEU A 46 16.58 -11.66 -15.90
C LEU A 46 17.07 -10.43 -15.12
N VAL A 47 16.55 -9.25 -15.45
CA VAL A 47 16.92 -7.99 -14.80
C VAL A 47 15.99 -7.77 -13.61
N ASP A 48 16.52 -7.79 -12.40
CA ASP A 48 15.72 -7.73 -11.17
C ASP A 48 16.23 -6.66 -10.20
N THR A 49 15.54 -5.51 -10.15
CA THR A 49 15.90 -4.52 -9.14
C THR A 49 15.38 -4.87 -7.74
N GLY A 50 14.66 -5.97 -7.59
CA GLY A 50 14.15 -6.39 -6.30
C GLY A 50 14.98 -7.41 -5.54
N SER A 51 16.19 -7.73 -6.01
CA SER A 51 17.06 -8.66 -5.30
C SER A 51 18.50 -8.28 -5.61
N SER A 52 19.46 -9.00 -5.01
CA SER A 52 20.85 -8.56 -5.10
C SER A 52 21.83 -9.69 -5.42
N ASN A 53 21.34 -10.86 -5.82
CA ASN A 53 22.21 -11.97 -6.18
C ASN A 53 22.28 -12.12 -7.70
N PHE A 54 23.49 -12.32 -8.19
CA PHE A 54 23.70 -12.75 -9.57
C PHE A 54 23.77 -14.28 -9.57
N ALA A 55 22.83 -14.93 -10.27
CA ALA A 55 22.75 -16.39 -10.26
C ALA A 55 22.34 -16.88 -11.63
N VAL A 56 22.89 -18.03 -12.03
CA VAL A 56 22.59 -18.63 -13.33
C VAL A 56 22.37 -20.13 -13.15
N GLY A 57 21.47 -20.67 -13.97
CA GLY A 57 21.33 -22.11 -14.02
C GLY A 57 22.66 -22.75 -14.36
N ALA A 58 23.08 -23.74 -13.56
CA ALA A 58 24.37 -24.40 -13.76
C ALA A 58 24.26 -25.91 -13.70
N ALA A 59 23.06 -26.45 -13.88
CA ALA A 59 22.77 -27.87 -13.89
C ALA A 59 21.53 -28.06 -14.75
N PRO A 60 21.36 -29.22 -15.39
CA PRO A 60 20.19 -29.44 -16.24
C PRO A 60 18.89 -29.17 -15.50
N HIS A 61 17.88 -28.73 -16.26
CA HIS A 61 16.56 -28.45 -15.72
C HIS A 61 15.61 -28.52 -16.92
N PRO A 62 14.40 -29.06 -16.74
CA PRO A 62 13.48 -29.20 -17.87
C PRO A 62 13.22 -27.92 -18.65
N PHE A 63 13.23 -26.76 -17.99
CA PHE A 63 12.89 -25.50 -18.63
C PHE A 63 14.12 -24.72 -19.12
N LEU A 64 15.33 -25.23 -18.92
CA LEU A 64 16.54 -24.52 -19.31
C LEU A 64 17.00 -24.97 -20.69
N HIS A 65 17.08 -24.01 -21.62
CA HIS A 65 17.63 -24.29 -22.94
C HIS A 65 19.13 -24.51 -22.88
N ARG A 66 19.79 -23.91 -21.90
CA ARG A 66 21.23 -23.96 -21.75
C ARG A 66 21.54 -23.58 -20.32
N TYR A 67 22.80 -23.73 -19.94
CA TYR A 67 23.20 -23.38 -18.57
C TYR A 67 24.71 -23.17 -18.52
N TYR A 68 25.14 -22.63 -17.40
CA TYR A 68 26.53 -22.31 -17.13
C TYR A 68 27.30 -23.58 -16.82
N GLN A 69 28.38 -23.83 -17.57
CA GLN A 69 29.20 -25.03 -17.37
C GLN A 69 30.55 -24.61 -16.80
N ARG A 70 30.67 -24.67 -15.48
CA ARG A 70 31.87 -24.18 -14.80
C ARG A 70 33.13 -24.89 -15.25
N GLN A 71 33.03 -26.18 -15.56
CA GLN A 71 34.21 -26.96 -15.94
C GLN A 71 34.86 -26.46 -17.23
N LEU A 72 34.09 -25.79 -18.09
CA LEU A 72 34.59 -25.27 -19.36
C LEU A 72 35.16 -23.87 -19.26
N SER A 73 35.20 -23.28 -18.07
CA SER A 73 35.70 -21.91 -17.90
C SER A 73 37.03 -21.93 -17.16
N SER A 74 38.07 -21.44 -17.84
CA SER A 74 39.39 -21.41 -17.22
C SER A 74 39.50 -20.36 -16.13
N THR A 75 38.58 -19.39 -16.08
CA THR A 75 38.62 -18.33 -15.08
C THR A 75 37.66 -18.57 -13.91
N TYR A 76 36.92 -19.67 -13.92
CA TYR A 76 36.02 -19.97 -12.80
C TYR A 76 36.82 -20.20 -11.53
N ARG A 77 36.31 -19.66 -10.41
CA ARG A 77 36.91 -19.89 -9.11
C ARG A 77 35.82 -20.33 -8.15
N ASP A 78 36.00 -21.48 -7.51
CA ASP A 78 35.03 -21.97 -6.53
C ASP A 78 35.22 -21.23 -5.22
N LEU A 79 34.12 -20.72 -4.64
CA LEU A 79 34.21 -20.08 -3.34
C LEU A 79 33.97 -21.04 -2.18
N ARG A 80 33.64 -22.29 -2.47
CA ARG A 80 33.49 -23.32 -1.44
C ARG A 80 32.48 -22.91 -0.38
N LYS A 81 31.38 -22.33 -0.83
CA LYS A 81 30.30 -21.86 0.02
C LYS A 81 28.99 -22.03 -0.73
N GLY A 82 27.96 -22.55 -0.04
CA GLY A 82 26.65 -22.70 -0.64
C GLY A 82 25.84 -21.41 -0.54
N VAL A 83 24.70 -21.39 -1.24
CA VAL A 83 23.82 -20.22 -1.21
C VAL A 83 22.41 -20.68 -1.59
N TYR A 84 21.42 -20.02 -1.02
CA TYR A 84 20.02 -20.19 -1.40
C TYR A 84 19.32 -18.84 -1.31
N VAL A 85 18.35 -18.62 -2.18
CA VAL A 85 17.57 -17.38 -2.17
C VAL A 85 16.10 -17.74 -2.20
N PRO A 86 15.33 -17.40 -1.16
CA PRO A 86 13.86 -17.55 -1.23
C PRO A 86 13.20 -16.24 -1.61
N TYR A 87 12.53 -16.16 -2.75
CA TYR A 87 11.81 -14.95 -3.14
C TYR A 87 10.39 -15.00 -2.59
N THR A 88 9.59 -13.98 -2.93
CA THR A 88 8.18 -14.02 -2.56
C THR A 88 7.50 -15.23 -3.18
N GLN A 89 7.84 -15.54 -4.43
CA GLN A 89 7.42 -16.79 -5.04
C GLN A 89 8.63 -17.34 -5.78
N GLY A 90 9.00 -18.58 -5.50
CA GLY A 90 10.12 -19.22 -6.14
C GLY A 90 11.38 -19.16 -5.30
N LYS A 91 12.28 -20.11 -5.52
CA LYS A 91 13.53 -20.16 -4.78
C LYS A 91 14.49 -21.09 -5.51
N TRP A 92 15.78 -20.92 -5.22
CA TRP A 92 16.81 -21.78 -5.78
C TRP A 92 17.93 -21.91 -4.76
N GLU A 93 18.76 -22.91 -4.96
CA GLU A 93 19.96 -23.08 -4.15
C GLU A 93 21.10 -23.43 -5.08
N GLY A 94 22.32 -23.14 -4.63
CA GLY A 94 23.46 -23.43 -5.46
C GLY A 94 24.78 -23.22 -4.74
N GLU A 95 25.82 -23.06 -5.55
CA GLU A 95 27.20 -22.96 -5.10
C GLU A 95 27.79 -21.62 -5.54
N LEU A 96 28.43 -20.91 -4.61
CA LEU A 96 29.04 -19.63 -4.91
C LEU A 96 30.41 -19.79 -5.57
N GLY A 97 30.76 -18.82 -6.40
CA GLY A 97 32.03 -18.77 -7.10
C GLY A 97 32.16 -17.42 -7.78
N THR A 98 33.29 -17.23 -8.48
CA THR A 98 33.50 -16.02 -9.25
C THR A 98 33.93 -16.38 -10.67
N ASP A 99 33.70 -15.45 -11.59
CA ASP A 99 34.12 -15.64 -12.97
C ASP A 99 34.09 -14.27 -13.66
N LEU A 100 34.63 -14.25 -14.87
CA LEU A 100 34.60 -13.03 -15.68
C LEU A 100 33.25 -12.90 -16.37
N VAL A 101 32.71 -11.70 -16.36
CA VAL A 101 31.36 -11.45 -16.86
C VAL A 101 31.40 -10.23 -17.77
N SER A 102 30.65 -10.28 -18.86
CA SER A 102 30.50 -9.16 -19.76
C SER A 102 29.05 -9.03 -20.21
N ILE A 103 28.71 -7.85 -20.68
CA ILE A 103 27.40 -7.55 -21.24
C ILE A 103 27.59 -7.10 -22.67
N PRO A 104 27.32 -7.97 -23.66
CA PRO A 104 27.60 -7.60 -25.06
C PRO A 104 26.97 -6.29 -25.51
N HIS A 105 25.70 -6.07 -25.18
CA HIS A 105 25.03 -4.80 -25.50
C HIS A 105 24.98 -3.92 -24.26
N GLY A 106 26.17 -3.71 -23.72
CA GLY A 106 26.38 -2.92 -22.54
C GLY A 106 27.73 -2.27 -22.60
N PRO A 107 28.24 -1.83 -21.46
CA PRO A 107 29.57 -1.22 -21.41
C PRO A 107 30.64 -2.17 -21.94
N ASN A 108 31.67 -1.59 -22.53
CA ASN A 108 32.77 -2.35 -23.13
C ASN A 108 33.79 -2.71 -22.05
N VAL A 109 33.34 -3.49 -21.07
CA VAL A 109 34.19 -3.89 -19.95
C VAL A 109 33.91 -5.34 -19.58
N THR A 110 34.84 -5.92 -18.83
CA THR A 110 34.75 -7.25 -18.28
C THR A 110 35.07 -7.13 -16.80
N VAL A 111 34.30 -7.81 -15.94
CA VAL A 111 34.51 -7.72 -14.51
C VAL A 111 34.49 -9.11 -13.90
N ARG A 112 35.26 -9.30 -12.83
CA ARG A 112 35.15 -10.51 -12.05
C ARG A 112 34.05 -10.29 -11.02
N ALA A 113 33.04 -11.15 -11.06
CA ALA A 113 31.88 -11.00 -10.21
C ALA A 113 31.54 -12.29 -9.50
N ASN A 114 30.84 -12.15 -8.39
CA ASN A 114 30.25 -13.29 -7.72
C ASN A 114 29.15 -13.88 -8.59
N ILE A 115 29.08 -15.19 -8.63
CA ILE A 115 28.07 -15.92 -9.40
C ILE A 115 27.60 -17.10 -8.58
N ALA A 116 26.30 -17.20 -8.39
CA ALA A 116 25.71 -18.36 -7.76
C ALA A 116 25.35 -19.36 -8.86
N ALA A 117 25.97 -20.53 -8.82
CA ALA A 117 25.66 -21.60 -9.76
C ALA A 117 24.46 -22.38 -9.26
N ILE A 118 23.30 -22.19 -9.90
CA ILE A 118 22.05 -22.80 -9.44
C ILE A 118 22.06 -24.30 -9.73
N THR A 119 21.96 -25.10 -8.68
CA THR A 119 21.91 -26.55 -8.85
C THR A 119 20.53 -27.13 -8.60
N GLU A 120 19.70 -26.47 -7.82
CA GLU A 120 18.33 -26.90 -7.58
C GLU A 120 17.46 -25.67 -7.48
N SER A 121 16.22 -25.79 -7.96
CA SER A 121 15.33 -24.64 -7.94
C SER A 121 13.91 -25.17 -7.81
N ASP A 122 13.01 -24.27 -7.41
CA ASP A 122 11.62 -24.64 -7.19
C ASP A 122 10.76 -23.46 -7.63
N LYS A 123 9.95 -23.67 -8.68
CA LYS A 123 9.04 -22.64 -9.20
C LYS A 123 9.76 -21.32 -9.48
N PHE A 124 11.01 -21.43 -9.96
CA PHE A 124 11.83 -20.27 -10.31
C PHE A 124 11.91 -20.09 -11.83
N PHE A 125 12.51 -21.05 -12.52
CA PHE A 125 12.55 -20.99 -13.98
C PHE A 125 11.15 -21.23 -14.55
N ILE A 126 10.89 -20.61 -15.70
CA ILE A 126 9.58 -20.63 -16.33
C ILE A 126 9.66 -21.40 -17.64
N ASN A 127 8.69 -22.29 -17.86
CA ASN A 127 8.65 -23.10 -19.09
C ASN A 127 8.63 -22.20 -20.32
N GLY A 128 9.67 -22.30 -21.16
CA GLY A 128 9.75 -21.53 -22.40
C GLY A 128 9.90 -20.03 -22.23
N SER A 129 10.75 -19.59 -21.30
CA SER A 129 10.89 -18.16 -21.03
C SER A 129 12.01 -17.49 -21.83
N ASN A 130 13.07 -18.22 -22.15
CA ASN A 130 14.28 -17.78 -22.86
C ASN A 130 15.32 -17.12 -21.96
N TRP A 131 15.14 -17.08 -20.64
CA TRP A 131 16.23 -16.65 -19.76
C TRP A 131 16.68 -17.79 -18.87
N GLU A 132 17.95 -17.75 -18.47
CA GLU A 132 18.57 -18.83 -17.72
C GLU A 132 19.18 -18.41 -16.40
N GLY A 133 19.08 -17.13 -16.05
CA GLY A 133 19.65 -16.64 -14.80
C GLY A 133 19.03 -15.32 -14.41
N ILE A 134 19.53 -14.75 -13.31
CA ILE A 134 18.97 -13.54 -12.74
C ILE A 134 20.10 -12.62 -12.30
N LEU A 135 19.93 -11.31 -12.58
CA LEU A 135 20.88 -10.27 -12.19
C LEU A 135 20.19 -9.39 -11.15
N GLY A 136 20.50 -9.62 -9.88
CA GLY A 136 19.95 -8.79 -8.83
C GLY A 136 20.65 -7.45 -8.76
N LEU A 137 19.94 -6.35 -8.99
CA LEU A 137 20.55 -5.04 -9.09
C LEU A 137 20.42 -4.20 -7.81
N ALA A 138 19.83 -4.75 -6.75
CA ALA A 138 19.68 -4.00 -5.51
C ALA A 138 20.96 -4.13 -4.68
N TYR A 139 20.91 -3.67 -3.44
CA TYR A 139 22.12 -3.47 -2.64
C TYR A 139 22.51 -4.71 -1.83
N ALA A 140 23.76 -4.68 -1.36
CA ALA A 140 24.36 -5.81 -0.64
C ALA A 140 23.55 -6.19 0.60
N GLU A 141 22.86 -5.24 1.22
CA GLU A 141 22.17 -5.55 2.47
C GLU A 141 21.18 -6.71 2.34
N ILE A 142 20.62 -6.94 1.15
CA ILE A 142 19.68 -8.05 0.98
C ILE A 142 20.28 -9.20 0.18
N ALA A 143 21.59 -9.19 -0.04
CA ALA A 143 22.22 -10.31 -0.73
C ALA A 143 22.26 -11.54 0.18
N ARG A 144 22.14 -12.73 -0.45
CA ARG A 144 22.37 -13.98 0.28
C ARG A 144 23.74 -14.54 -0.06
N PRO A 145 24.40 -15.25 0.87
CA PRO A 145 23.91 -15.60 2.22
C PRO A 145 23.88 -14.45 3.20
N ASP A 146 24.66 -13.41 2.94
CA ASP A 146 24.69 -12.22 3.77
C ASP A 146 25.30 -11.10 2.94
N ASP A 147 25.38 -9.90 3.53
CA ASP A 147 25.79 -8.70 2.83
C ASP A 147 27.27 -8.65 2.50
N SER A 148 28.04 -9.68 2.82
CA SER A 148 29.44 -9.68 2.38
C SER A 148 29.60 -10.19 0.95
N LEU A 149 28.53 -10.72 0.34
CA LEU A 149 28.60 -11.14 -1.05
C LEU A 149 28.34 -9.93 -1.92
N GLU A 150 29.39 -9.34 -2.46
CA GLU A 150 29.29 -8.14 -3.26
C GLU A 150 28.41 -8.34 -4.49
N PRO A 151 27.35 -7.55 -4.67
CA PRO A 151 26.51 -7.68 -5.85
C PRO A 151 27.22 -7.27 -7.14
N PHE A 152 26.66 -7.72 -8.26
CA PHE A 152 27.29 -7.47 -9.57
C PHE A 152 27.52 -5.98 -9.81
N PHE A 153 26.49 -5.16 -9.60
CA PHE A 153 26.65 -3.75 -9.97
C PHE A 153 27.72 -3.07 -9.13
N ASP A 154 27.81 -3.42 -7.84
CA ASP A 154 28.89 -2.92 -7.01
C ASP A 154 30.26 -3.34 -7.56
N SER A 155 30.40 -4.60 -8.01
CA SER A 155 31.67 -5.02 -8.60
C SER A 155 31.98 -4.23 -9.87
N LEU A 156 30.96 -4.03 -10.72
CA LEU A 156 31.15 -3.30 -11.96
C LEU A 156 31.67 -1.89 -11.71
N VAL A 157 31.02 -1.17 -10.79
CA VAL A 157 31.43 0.19 -10.46
C VAL A 157 32.83 0.19 -9.85
N LYS A 158 33.12 -0.78 -8.98
CA LYS A 158 34.40 -0.78 -8.29
C LYS A 158 35.55 -1.07 -9.25
N GLN A 159 35.33 -1.97 -10.22
CA GLN A 159 36.39 -2.43 -11.13
C GLN A 159 36.52 -1.60 -12.41
N THR A 160 35.56 -0.75 -12.75
CA THR A 160 35.63 0.01 -14.00
C THR A 160 35.35 1.48 -13.76
N HIS A 161 35.23 2.27 -14.83
CA HIS A 161 34.85 3.67 -14.72
C HIS A 161 33.36 3.91 -14.99
N VAL A 162 32.56 2.85 -15.05
CA VAL A 162 31.12 2.98 -15.26
C VAL A 162 30.53 3.81 -14.12
N PRO A 163 29.83 4.91 -14.41
CA PRO A 163 29.21 5.70 -13.33
C PRO A 163 28.19 4.87 -12.54
N ASN A 164 28.01 5.23 -11.28
CA ASN A 164 27.21 4.46 -10.34
C ASN A 164 25.73 4.78 -10.51
N LEU A 165 25.18 4.37 -11.65
CA LEU A 165 23.75 4.48 -11.88
C LEU A 165 23.38 3.71 -13.13
N PHE A 166 22.11 3.35 -13.22
CA PHE A 166 21.58 2.70 -14.41
C PHE A 166 20.14 3.13 -14.57
N SER A 167 19.61 2.94 -15.77
CA SER A 167 18.23 3.28 -16.01
C SER A 167 17.54 2.16 -16.78
N LEU A 168 16.23 2.05 -16.57
CA LEU A 168 15.42 1.01 -17.17
C LEU A 168 14.26 1.64 -17.92
N GLN A 169 14.15 1.28 -19.19
CA GLN A 169 13.01 1.62 -20.04
C GLN A 169 12.35 0.29 -20.38
N LEU A 170 11.31 -0.08 -19.63
CA LEU A 170 10.57 -1.32 -19.84
C LEU A 170 9.35 -1.00 -20.68
N CYS A 171 9.22 -1.66 -21.83
CA CYS A 171 8.16 -1.38 -22.78
C CYS A 171 7.14 -2.52 -22.81
N GLY A 172 5.88 -2.17 -23.01
CA GLY A 172 4.82 -3.15 -23.14
C GLY A 172 4.78 -3.68 -24.56
N ALA A 173 3.62 -4.21 -24.94
CA ALA A 173 3.41 -4.69 -26.31
C ALA A 173 3.40 -3.52 -27.30
N SER A 185 7.68 -10.70 -27.19
CA SER A 185 6.53 -9.82 -27.30
C SER A 185 6.78 -8.45 -26.66
N VAL A 186 7.75 -8.35 -25.74
CA VAL A 186 8.08 -7.07 -25.10
C VAL A 186 9.58 -6.84 -25.20
N GLY A 187 9.97 -5.57 -25.08
CA GLY A 187 11.36 -5.20 -25.16
C GLY A 187 11.63 -4.01 -24.27
N GLY A 188 12.87 -3.53 -24.31
CA GLY A 188 13.22 -2.35 -23.54
C GLY A 188 14.72 -2.12 -23.53
N SER A 189 15.14 -1.21 -22.65
CA SER A 189 16.53 -0.83 -22.58
C SER A 189 16.97 -0.77 -21.13
N MET A 190 18.17 -1.26 -20.87
CA MET A 190 18.86 -1.06 -19.61
C MET A 190 20.12 -0.27 -19.95
N ILE A 191 20.11 1.02 -19.61
CA ILE A 191 21.25 1.88 -19.85
C ILE A 191 22.15 1.79 -18.62
N ILE A 192 23.31 1.18 -18.80
CA ILE A 192 24.26 0.96 -17.71
C ILE A 192 25.23 2.13 -17.68
N GLY A 193 25.25 2.87 -16.57
CA GLY A 193 26.14 3.99 -16.39
C GLY A 193 25.61 5.35 -16.75
N GLY A 194 24.32 5.50 -17.00
CA GLY A 194 23.83 6.83 -17.32
C GLY A 194 22.38 6.84 -17.74
N ILE A 195 22.03 7.97 -18.34
CA ILE A 195 20.68 8.32 -18.77
C ILE A 195 20.77 8.64 -20.26
N ASP A 196 19.89 8.03 -21.05
CA ASP A 196 19.83 8.28 -22.49
C ASP A 196 18.62 9.17 -22.72
N HIS A 197 18.87 10.42 -23.12
CA HIS A 197 17.80 11.41 -23.22
C HIS A 197 16.82 11.14 -24.36
N SER A 198 17.19 10.30 -25.33
CA SER A 198 16.23 10.00 -26.39
C SER A 198 15.16 9.03 -25.92
N LEU A 199 15.28 8.45 -24.72
CA LEU A 199 14.34 7.44 -24.26
C LEU A 199 13.18 7.99 -23.44
N TYR A 200 13.09 9.29 -23.21
CA TYR A 200 11.96 9.81 -22.43
C TYR A 200 11.62 11.21 -22.91
N THR A 201 10.43 11.67 -22.53
CA THR A 201 9.96 13.03 -22.81
C THR A 201 9.61 13.74 -21.52
N GLY A 202 9.58 15.07 -21.59
CA GLY A 202 9.27 15.85 -20.40
C GLY A 202 10.40 15.81 -19.40
N SER A 203 10.06 16.10 -18.15
CA SER A 203 11.07 16.17 -17.09
C SER A 203 11.13 14.87 -16.29
N LEU A 204 12.34 14.60 -15.77
CA LEU A 204 12.55 13.54 -14.79
C LEU A 204 12.21 14.08 -13.41
N TRP A 205 11.43 13.31 -12.65
CA TRP A 205 11.07 13.63 -11.28
C TRP A 205 11.69 12.59 -10.36
N TYR A 206 12.34 13.06 -9.30
CA TYR A 206 13.11 12.17 -8.43
C TYR A 206 12.47 12.00 -7.05
N THR A 207 12.56 10.77 -6.54
CA THR A 207 12.15 10.43 -5.19
C THR A 207 13.34 9.85 -4.45
N PRO A 208 13.54 10.19 -3.17
CA PRO A 208 14.71 9.68 -2.46
C PRO A 208 14.65 8.16 -2.29
N ILE A 209 15.82 7.53 -2.36
CA ILE A 209 15.96 6.15 -1.90
C ILE A 209 15.99 6.20 -0.38
N ARG A 210 14.99 5.61 0.27
CA ARG A 210 14.89 5.79 1.72
C ARG A 210 16.05 5.10 2.44
N ARG A 211 16.41 3.90 1.99
CA ARG A 211 17.46 3.11 2.58
C ARG A 211 17.99 2.23 1.48
N GLU A 212 19.31 2.05 1.45
CA GLU A 212 19.94 1.24 0.40
C GLU A 212 19.89 -0.23 0.80
N TRP A 213 18.76 -0.87 0.48
CA TRP A 213 18.70 -2.32 0.63
C TRP A 213 17.91 -2.84 -0.56
N TYR A 214 16.58 -2.83 -0.49
CA TYR A 214 15.82 -2.73 -1.72
C TYR A 214 15.96 -1.32 -2.26
N TYR A 215 15.40 -1.04 -3.45
CA TYR A 215 15.21 0.36 -3.87
C TYR A 215 13.93 0.84 -3.20
N GLU A 216 14.06 1.23 -1.93
CA GLU A 216 12.91 1.59 -1.10
C GLU A 216 12.54 3.05 -1.27
N VAL A 217 11.25 3.32 -1.48
CA VAL A 217 10.73 4.66 -1.65
C VAL A 217 9.55 4.87 -0.69
N ILE A 218 9.05 6.11 -0.64
CA ILE A 218 7.93 6.48 0.23
C ILE A 218 6.82 7.02 -0.65
N ILE A 219 5.67 6.36 -0.60
CA ILE A 219 4.44 6.81 -1.24
C ILE A 219 3.68 7.68 -0.25
N VAL A 220 3.29 8.89 -0.67
CA VAL A 220 2.68 9.86 0.24
C VAL A 220 1.21 10.11 -0.04
N ARG A 221 0.64 9.59 -1.13
CA ARG A 221 -0.76 9.79 -1.47
C ARG A 221 -1.13 8.83 -2.59
N VAL A 222 -2.37 8.38 -2.57
CA VAL A 222 -2.91 7.53 -3.63
C VAL A 222 -4.27 8.06 -4.04
N GLU A 223 -4.49 8.20 -5.34
CA GLU A 223 -5.77 8.62 -5.88
C GLU A 223 -6.18 7.65 -6.96
N ILE A 224 -7.47 7.41 -7.07
CA ILE A 224 -8.03 6.57 -8.12
C ILE A 224 -9.08 7.40 -8.86
N ASN A 225 -8.85 7.62 -10.16
CA ASN A 225 -9.69 8.54 -10.94
C ASN A 225 -9.81 9.90 -10.26
N GLY A 226 -8.70 10.38 -9.68
CA GLY A 226 -8.69 11.67 -9.03
C GLY A 226 -9.31 11.72 -7.65
N GLN A 227 -9.70 10.58 -7.08
CA GLN A 227 -10.35 10.52 -5.79
C GLN A 227 -9.31 10.01 -4.79
N ASP A 228 -9.05 10.79 -3.74
CA ASP A 228 -8.08 10.41 -2.73
C ASP A 228 -8.56 9.16 -1.99
N LEU A 229 -7.68 8.18 -1.81
CA LEU A 229 -8.06 7.02 -1.03
C LEU A 229 -8.25 7.35 0.45
N LYS A 230 -7.68 8.45 0.92
CA LYS A 230 -7.85 8.92 2.29
C LYS A 230 -7.55 7.83 3.32
N MET A 231 -6.34 7.30 3.23
CA MET A 231 -5.83 6.38 4.23
C MET A 231 -4.65 7.08 4.90
N ASP A 232 -4.34 6.63 6.10
CA ASP A 232 -3.09 7.02 6.72
C ASP A 232 -1.97 6.65 5.76
N CYS A 233 -1.18 7.64 5.34
CA CYS A 233 -0.18 7.35 4.30
C CYS A 233 0.84 6.32 4.74
N LYS A 234 0.95 6.05 6.05
CA LYS A 234 1.78 4.93 6.50
C LYS A 234 1.26 3.60 5.96
N GLU A 235 -0.06 3.48 5.76
CA GLU A 235 -0.61 2.23 5.21
C GLU A 235 -0.02 1.90 3.84
N TYR A 236 0.28 2.94 3.03
CA TYR A 236 0.84 2.75 1.70
C TYR A 236 2.25 2.16 1.74
N ASN A 237 2.97 2.33 2.85
CA ASN A 237 4.35 1.90 2.97
C ASN A 237 4.54 0.89 4.10
N TYR A 238 3.51 0.08 4.38
CA TYR A 238 3.55 -0.92 5.44
C TYR A 238 3.79 -2.29 4.81
N ASP A 239 4.97 -2.87 5.03
CA ASP A 239 6.04 -2.35 5.88
C ASP A 239 7.19 -1.65 5.11
N LYS A 240 7.05 -1.54 3.79
CA LYS A 240 8.01 -0.82 2.93
C LYS A 240 7.33 -0.66 1.59
N SER A 241 7.92 0.19 0.75
CA SER A 241 7.52 0.31 -0.65
C SER A 241 8.77 0.22 -1.49
N ILE A 242 8.76 -0.63 -2.53
CA ILE A 242 9.97 -0.83 -3.32
C ILE A 242 9.67 -0.76 -4.81
N VAL A 243 10.72 -0.50 -5.60
CA VAL A 243 10.67 -0.51 -7.06
C VAL A 243 11.37 -1.77 -7.53
N ASP A 244 10.63 -2.66 -8.20
CA ASP A 244 11.06 -4.07 -8.36
C ASP A 244 10.72 -4.57 -9.76
N SER A 245 11.71 -4.55 -10.65
CA SER A 245 11.50 -5.05 -12.00
C SER A 245 11.34 -6.57 -12.05
N GLY A 246 11.69 -7.28 -10.99
CA GLY A 246 11.50 -8.72 -10.94
C GLY A 246 10.13 -9.19 -10.51
N THR A 247 9.25 -8.26 -10.19
CA THR A 247 7.86 -8.57 -9.83
C THR A 247 6.97 -8.08 -10.95
N THR A 248 6.02 -8.93 -11.38
CA THR A 248 5.13 -8.54 -12.47
C THR A 248 4.17 -7.43 -12.03
N ASN A 249 3.44 -7.67 -10.94
CA ASN A 249 2.28 -6.88 -10.59
C ASN A 249 2.63 -5.65 -9.76
N LEU A 250 1.63 -4.76 -9.65
CA LEU A 250 1.57 -3.83 -8.55
C LEU A 250 1.05 -4.62 -7.35
N ARG A 251 1.84 -4.72 -6.29
CA ARG A 251 1.42 -5.46 -5.10
C ARG A 251 1.20 -4.45 -3.99
N LEU A 252 0.07 -4.57 -3.28
CA LEU A 252 -0.35 -3.58 -2.30
C LEU A 252 -0.62 -4.23 -0.95
N PRO A 253 -0.26 -3.57 0.16
CA PRO A 253 -0.61 -4.08 1.49
C PRO A 253 -2.10 -4.35 1.58
N LYS A 254 -2.45 -5.38 2.36
CA LYS A 254 -3.82 -5.86 2.45
C LYS A 254 -4.86 -4.73 2.50
N LYS A 255 -4.69 -3.81 3.46
CA LYS A 255 -5.67 -2.74 3.62
C LYS A 255 -5.77 -1.86 2.39
N VAL A 256 -4.63 -1.52 1.78
CA VAL A 256 -4.65 -0.71 0.57
C VAL A 256 -5.25 -1.48 -0.60
N PHE A 257 -4.87 -2.75 -0.73
CA PHE A 257 -5.42 -3.59 -1.80
C PHE A 257 -6.95 -3.62 -1.75
N GLU A 258 -7.51 -3.80 -0.55
CA GLU A 258 -8.97 -3.87 -0.44
C GLU A 258 -9.63 -2.56 -0.85
N ALA A 259 -9.08 -1.44 -0.40
CA ALA A 259 -9.66 -0.15 -0.81
C ALA A 259 -9.53 0.07 -2.30
N ALA A 260 -8.38 -0.29 -2.88
CA ALA A 260 -8.18 -0.06 -4.31
C ALA A 260 -9.09 -0.93 -5.16
N VAL A 261 -9.21 -2.23 -4.81
CA VAL A 261 -10.10 -3.11 -5.56
C VAL A 261 -11.55 -2.66 -5.43
N LYS A 262 -11.95 -2.26 -4.22
CA LYS A 262 -13.30 -1.76 -4.02
C LYS A 262 -13.57 -0.57 -4.93
N SER A 263 -12.59 0.33 -5.08
CA SER A 263 -12.77 1.49 -5.93
C SER A 263 -12.77 1.10 -7.41
N ILE A 264 -11.89 0.17 -7.80
CA ILE A 264 -11.82 -0.24 -9.20
C ILE A 264 -13.06 -1.01 -9.60
N LYS A 265 -13.59 -1.85 -8.69
CA LYS A 265 -14.83 -2.58 -8.96
C LYS A 265 -15.97 -1.61 -9.22
N ALA A 266 -16.10 -0.59 -8.36
CA ALA A 266 -17.18 0.38 -8.50
C ALA A 266 -17.10 1.10 -9.83
N ALA A 267 -15.89 1.55 -10.20
CA ALA A 267 -15.74 2.31 -11.44
C ALA A 267 -16.11 1.47 -12.66
N SER A 268 -15.93 0.16 -12.59
CA SER A 268 -16.20 -0.72 -13.72
C SER A 268 -17.45 -1.58 -13.53
N SER A 269 -18.33 -1.19 -12.60
CA SER A 269 -19.50 -2.00 -12.25
C SER A 269 -20.50 -2.19 -13.37
N THR A 270 -20.41 -1.46 -14.49
CA THR A 270 -21.31 -1.74 -15.61
C THR A 270 -21.05 -3.10 -16.25
N GLU A 271 -19.97 -3.78 -15.90
CA GLU A 271 -19.69 -5.12 -16.37
C GLU A 271 -19.37 -6.01 -15.17
N LYS A 272 -19.69 -7.28 -15.30
CA LYS A 272 -19.56 -8.24 -14.22
C LYS A 272 -18.32 -9.11 -14.46
N PHE A 273 -17.49 -9.26 -13.42
CA PHE A 273 -16.29 -10.08 -13.52
C PHE A 273 -16.29 -11.18 -12.47
N PRO A 274 -15.77 -12.36 -12.81
CA PRO A 274 -15.65 -13.42 -11.81
C PRO A 274 -14.82 -12.98 -10.63
N ASP A 275 -15.17 -13.48 -9.45
CA ASP A 275 -14.44 -13.12 -8.24
C ASP A 275 -12.98 -13.55 -8.35
N GLY A 276 -12.70 -14.61 -9.11
CA GLY A 276 -11.33 -15.03 -9.35
C GLY A 276 -10.54 -14.08 -10.24
N PHE A 277 -11.23 -13.25 -11.03
CA PHE A 277 -10.52 -12.26 -11.82
C PHE A 277 -9.83 -11.25 -10.90
N TRP A 278 -10.53 -10.77 -9.87
CA TRP A 278 -9.96 -9.79 -8.95
C TRP A 278 -8.87 -10.37 -8.06
N LEU A 279 -8.73 -11.69 -8.01
CA LEU A 279 -7.66 -12.35 -7.27
C LEU A 279 -6.48 -12.69 -8.16
N GLY A 280 -6.51 -12.27 -9.42
CA GLY A 280 -5.42 -12.59 -10.33
C GLY A 280 -5.41 -14.02 -10.82
N GLU A 281 -6.47 -14.79 -10.58
CA GLU A 281 -6.51 -16.19 -10.98
C GLU A 281 -7.07 -16.35 -12.40
N GLN A 282 -8.32 -15.97 -12.59
CA GLN A 282 -9.00 -16.10 -13.87
C GLN A 282 -8.78 -14.87 -14.75
N LEU A 283 -8.77 -15.11 -16.06
CA LEU A 283 -8.58 -14.06 -17.04
C LEU A 283 -9.93 -13.66 -17.62
N VAL A 284 -10.02 -12.41 -18.08
CA VAL A 284 -11.23 -11.91 -18.69
C VAL A 284 -10.93 -11.61 -20.16
N CYS A 285 -11.91 -11.81 -21.02
CA CYS A 285 -11.73 -11.61 -22.44
C CYS A 285 -12.86 -10.77 -23.01
N TRP A 286 -12.56 -10.14 -24.15
CA TRP A 286 -13.50 -9.32 -24.87
C TRP A 286 -13.22 -9.52 -26.34
N GLN A 287 -14.22 -9.22 -27.17
CA GLN A 287 -14.05 -9.30 -28.62
C GLN A 287 -12.89 -8.41 -29.02
N ALA A 288 -11.97 -8.95 -29.83
CA ALA A 288 -10.76 -8.26 -30.25
C ALA A 288 -11.04 -6.81 -30.62
N GLY A 289 -10.45 -5.89 -29.86
CA GLY A 289 -10.60 -4.48 -30.10
C GLY A 289 -11.80 -3.83 -29.45
N THR A 290 -12.49 -4.52 -28.54
CA THR A 290 -13.65 -3.94 -27.85
C THR A 290 -13.43 -3.85 -26.34
N THR A 291 -12.19 -3.95 -25.88
CA THR A 291 -11.90 -3.82 -24.45
C THR A 291 -12.42 -2.48 -23.95
N PRO A 292 -13.26 -2.45 -22.93
CA PRO A 292 -13.83 -1.19 -22.42
C PRO A 292 -12.88 -0.44 -21.49
N TRP A 293 -11.75 0.01 -22.05
CA TRP A 293 -10.74 0.71 -21.24
C TRP A 293 -11.36 1.83 -20.41
N ASN A 294 -12.33 2.55 -20.97
CA ASN A 294 -12.91 3.73 -20.31
C ASN A 294 -13.51 3.42 -18.93
N ILE A 295 -13.95 2.18 -18.68
CA ILE A 295 -14.56 1.87 -17.39
C ILE A 295 -13.55 1.52 -16.32
N PHE A 296 -12.28 1.45 -16.66
CA PHE A 296 -11.28 1.18 -15.63
C PHE A 296 -10.56 2.47 -15.27
N PRO A 297 -10.39 2.77 -13.99
CA PRO A 297 -9.84 4.07 -13.59
C PRO A 297 -8.33 4.14 -13.75
N VAL A 298 -7.82 5.38 -13.71
CA VAL A 298 -6.39 5.62 -13.62
C VAL A 298 -6.02 5.64 -12.14
N ILE A 299 -4.82 5.17 -11.81
CA ILE A 299 -4.29 5.17 -10.45
C ILE A 299 -3.11 6.13 -10.39
N SER A 300 -3.17 7.09 -9.46
CA SER A 300 -2.07 8.03 -9.25
C SER A 300 -1.33 7.69 -7.95
N LEU A 301 -0.03 7.45 -8.06
CA LEU A 301 0.84 7.24 -6.92
C LEU A 301 1.71 8.49 -6.75
N TYR A 302 1.61 9.12 -5.58
CA TYR A 302 2.43 10.28 -5.26
C TYR A 302 3.65 9.83 -4.48
N LEU A 303 4.81 10.26 -4.93
CA LEU A 303 6.07 9.90 -4.31
C LEU A 303 6.70 11.12 -3.65
N MET A 304 7.39 10.86 -2.53
CA MET A 304 8.16 11.90 -1.87
C MET A 304 9.15 12.51 -2.84
N GLY A 305 9.21 13.85 -2.85
CA GLY A 305 10.08 14.59 -3.73
C GLY A 305 11.44 14.89 -3.13
N GLU A 306 12.18 15.77 -3.83
CA GLU A 306 13.53 16.19 -3.44
C GLU A 306 13.60 17.39 -2.53
N VAL A 307 12.58 18.26 -2.48
CA VAL A 307 12.61 19.45 -1.63
C VAL A 307 11.49 19.38 -0.59
N THR A 308 11.61 20.25 0.41
CA THR A 308 10.72 20.21 1.57
C THR A 308 9.27 20.33 1.13
N ASN A 309 8.42 19.46 1.70
CA ASN A 309 6.97 19.47 1.49
C ASN A 309 6.60 19.33 0.01
N GLN A 310 7.46 18.72 -0.82
CA GLN A 310 7.18 18.57 -2.25
C GLN A 310 7.15 17.09 -2.66
N SER A 311 6.14 16.74 -3.43
CA SER A 311 5.99 15.43 -4.03
C SER A 311 5.73 15.58 -5.53
N PHE A 312 5.53 14.43 -6.19
CA PHE A 312 5.14 14.38 -7.59
C PHE A 312 4.32 13.11 -7.76
N ARG A 313 3.60 13.01 -8.87
CA ARG A 313 2.77 11.82 -9.04
C ARG A 313 3.10 11.14 -10.37
N ILE A 314 2.91 9.83 -10.37
CA ILE A 314 2.89 9.06 -11.60
C ILE A 314 1.49 8.49 -11.74
N THR A 315 0.96 8.57 -12.95
CA THR A 315 -0.40 8.13 -13.20
C THR A 315 -0.34 6.85 -14.04
N ILE A 316 -1.04 5.82 -13.57
CA ILE A 316 -1.04 4.47 -14.12
C ILE A 316 -2.36 4.26 -14.84
N LEU A 317 -2.30 3.83 -16.09
CA LEU A 317 -3.47 3.53 -16.90
C LEU A 317 -3.89 2.07 -16.76
N PRO A 318 -5.16 1.76 -17.04
CA PRO A 318 -5.57 0.34 -17.02
C PRO A 318 -4.83 -0.52 -18.01
N GLN A 319 -4.35 0.06 -19.12
CA GLN A 319 -3.52 -0.72 -20.04
C GLN A 319 -2.25 -1.22 -19.37
N GLN A 320 -1.88 -0.68 -18.21
CA GLN A 320 -0.75 -1.22 -17.46
C GLN A 320 -1.19 -2.32 -16.49
N TYR A 321 -2.23 -2.07 -15.69
CA TYR A 321 -2.58 -3.06 -14.68
C TYR A 321 -3.60 -4.09 -15.16
N LEU A 322 -3.94 -4.09 -16.45
CA LEU A 322 -4.68 -5.19 -17.07
C LEU A 322 -3.68 -5.82 -18.05
N ARG A 323 -3.00 -6.86 -17.56
CA ARG A 323 -1.90 -7.45 -18.31
C ARG A 323 -2.43 -8.35 -19.42
N PRO A 324 -2.01 -8.14 -20.67
CA PRO A 324 -2.50 -9.00 -21.76
C PRO A 324 -1.87 -10.38 -21.70
N VAL A 325 -2.70 -11.40 -21.95
CA VAL A 325 -2.30 -12.80 -21.83
C VAL A 325 -2.74 -13.56 -23.08
N GLU A 326 -1.85 -14.41 -23.60
CA GLU A 326 -2.17 -15.23 -24.77
C GLU A 326 -3.44 -16.04 -24.56
N ASP A 327 -4.36 -15.94 -25.53
CA ASP A 327 -5.64 -16.65 -25.51
C ASP A 327 -5.40 -18.14 -25.61
N VAL A 328 -5.51 -18.84 -24.47
CA VAL A 328 -5.24 -20.26 -24.42
C VAL A 328 -6.09 -21.03 -25.41
N ALA A 329 -7.30 -20.55 -25.71
CA ALA A 329 -8.15 -21.24 -26.68
C ALA A 329 -7.94 -20.74 -28.11
N THR A 330 -8.96 -20.09 -28.66
CA THR A 330 -8.90 -19.47 -29.99
C THR A 330 -8.51 -18.00 -29.87
N SER A 331 -7.31 -17.66 -30.35
CA SER A 331 -6.83 -16.28 -30.32
C SER A 331 -7.74 -15.36 -31.13
N GLN A 332 -9.00 -15.26 -30.71
CA GLN A 332 -9.99 -14.40 -31.34
C GLN A 332 -10.34 -13.18 -30.51
N ASP A 333 -10.09 -13.24 -29.20
CA ASP A 333 -10.41 -12.16 -28.28
C ASP A 333 -9.14 -11.57 -27.67
N ASP A 334 -9.33 -10.45 -26.98
CA ASP A 334 -8.27 -9.82 -26.19
C ASP A 334 -8.53 -10.24 -24.75
N CYS A 335 -7.57 -10.94 -24.15
CA CYS A 335 -7.71 -11.49 -22.81
C CYS A 335 -6.68 -10.85 -21.87
N TYR A 336 -7.07 -10.64 -20.61
CA TYR A 336 -6.24 -9.94 -19.64
C TYR A 336 -6.34 -10.56 -18.26
N LYS A 337 -5.27 -10.40 -17.49
CA LYS A 337 -5.26 -10.71 -16.07
C LYS A 337 -5.12 -9.42 -15.28
N PHE A 338 -5.82 -9.38 -14.15
CA PHE A 338 -5.72 -8.28 -13.20
C PHE A 338 -4.34 -8.32 -12.55
N ALA A 339 -3.51 -7.32 -12.83
CA ALA A 339 -2.11 -7.31 -12.40
C ALA A 339 -1.89 -6.46 -11.16
N ILE A 340 -2.85 -6.45 -10.26
CA ILE A 340 -2.74 -5.86 -8.93
C ILE A 340 -3.07 -6.97 -7.95
N SER A 341 -2.14 -7.27 -7.04
CA SER A 341 -2.42 -8.32 -6.07
C SER A 341 -2.05 -7.87 -4.66
N GLN A 342 -2.51 -8.65 -3.70
CA GLN A 342 -2.33 -8.33 -2.30
C GLN A 342 -0.95 -8.78 -1.82
N SER A 343 -0.36 -7.98 -0.93
CA SER A 343 0.96 -8.24 -0.39
C SER A 343 0.92 -8.23 1.14
N SER A 344 1.81 -9.00 1.75
CA SER A 344 2.02 -8.96 3.19
C SER A 344 3.42 -8.45 3.54
N THR A 345 4.17 -7.94 2.57
CA THR A 345 5.53 -7.44 2.78
C THR A 345 5.72 -6.05 2.15
N GLY A 346 4.65 -5.26 2.07
CA GLY A 346 4.72 -3.90 1.60
C GLY A 346 4.32 -3.75 0.14
N THR A 347 4.33 -2.50 -0.30
CA THR A 347 4.02 -2.17 -1.70
C THR A 347 5.17 -2.58 -2.61
N VAL A 348 4.82 -3.15 -3.77
CA VAL A 348 5.82 -3.47 -4.77
C VAL A 348 5.38 -2.81 -6.08
N MET A 349 6.16 -1.84 -6.55
CA MET A 349 5.94 -1.21 -7.85
C MET A 349 6.67 -2.10 -8.85
N GLY A 350 5.94 -3.06 -9.40
CA GLY A 350 6.51 -4.05 -10.28
C GLY A 350 6.61 -3.58 -11.72
N ALA A 351 6.87 -4.54 -12.60
CA ALA A 351 7.11 -4.25 -14.01
C ALA A 351 5.93 -3.54 -14.67
N VAL A 352 4.70 -3.92 -14.33
CA VAL A 352 3.57 -3.26 -15.02
C VAL A 352 3.46 -1.79 -14.63
N ILE A 353 3.99 -1.41 -13.47
CA ILE A 353 4.05 0.00 -13.09
C ILE A 353 5.17 0.69 -13.83
N MET A 354 6.35 0.05 -13.90
CA MET A 354 7.51 0.66 -14.56
C MET A 354 7.31 0.80 -16.06
N GLU A 355 6.51 -0.08 -16.66
CA GLU A 355 6.28 -0.03 -18.11
C GLU A 355 5.73 1.32 -18.55
N GLY A 356 6.28 1.84 -19.64
CA GLY A 356 5.88 3.15 -20.09
C GLY A 356 6.48 4.30 -19.32
N PHE A 357 7.29 4.04 -18.29
CA PHE A 357 8.09 5.08 -17.66
C PHE A 357 9.55 4.77 -17.89
N TYR A 358 10.36 5.82 -17.95
CA TYR A 358 11.81 5.68 -17.92
C TYR A 358 12.22 5.86 -16.47
N VAL A 359 12.90 4.85 -15.91
CA VAL A 359 13.18 4.83 -14.47
C VAL A 359 14.68 4.86 -14.26
N VAL A 360 15.16 5.90 -13.57
CA VAL A 360 16.58 6.10 -13.36
C VAL A 360 16.89 5.68 -11.94
N PHE A 361 17.78 4.68 -11.79
CA PHE A 361 18.23 4.21 -10.48
C PHE A 361 19.55 4.90 -10.18
N ASP A 362 19.43 6.11 -9.65
CA ASP A 362 20.57 7.01 -9.44
C ASP A 362 21.22 6.67 -8.10
N ARG A 363 21.99 5.58 -8.08
CA ARG A 363 22.63 5.14 -6.85
C ARG A 363 23.58 6.19 -6.30
N ALA A 364 24.31 6.87 -7.19
CA ALA A 364 25.29 7.86 -6.74
C ALA A 364 24.62 8.97 -5.92
N ARG A 365 23.40 9.36 -6.28
CA ARG A 365 22.72 10.43 -5.55
C ARG A 365 21.57 9.92 -4.69
N LYS A 366 21.45 8.61 -4.48
CA LYS A 366 20.44 8.01 -3.59
C LYS A 366 19.03 8.49 -3.96
N ARG A 367 18.68 8.33 -5.24
CA ARG A 367 17.37 8.75 -5.71
C ARG A 367 16.99 7.92 -6.91
N ILE A 368 15.69 7.86 -7.16
CA ILE A 368 15.10 7.15 -8.29
C ILE A 368 14.28 8.16 -9.09
N GLY A 369 14.56 8.26 -10.39
CA GLY A 369 13.85 9.20 -11.28
C GLY A 369 12.83 8.53 -12.14
N PHE A 370 11.71 9.25 -12.38
CA PHE A 370 10.63 8.81 -13.24
C PHE A 370 10.37 9.87 -14.31
N ALA A 371 10.19 9.42 -15.56
CA ALA A 371 9.74 10.28 -16.66
C ALA A 371 8.89 9.44 -17.60
N VAL A 372 8.04 10.13 -18.36
CA VAL A 372 7.25 9.45 -19.38
C VAL A 372 8.20 8.86 -20.41
N SER A 373 8.05 7.57 -20.69
CA SER A 373 8.92 6.86 -21.63
C SER A 373 8.60 7.17 -23.09
N ALA A 374 9.61 7.06 -23.95
CA ALA A 374 9.37 7.12 -25.39
C ALA A 374 8.45 5.99 -25.85
N CYS A 375 8.42 4.87 -25.13
CA CYS A 375 7.47 3.81 -25.43
C CYS A 375 6.30 3.86 -24.46
N HIS A 376 5.69 5.03 -24.33
CA HIS A 376 4.66 5.20 -23.34
C HIS A 376 3.38 4.48 -23.75
N VAL A 377 2.56 4.17 -22.76
CA VAL A 377 1.31 3.45 -22.95
C VAL A 377 0.26 4.41 -23.48
N HIS A 378 -0.49 3.99 -24.49
CA HIS A 378 -1.42 4.91 -25.14
C HIS A 378 -2.86 4.55 -24.78
N ASP A 379 -3.67 5.59 -24.69
CA ASP A 379 -5.11 5.49 -24.49
C ASP A 379 -5.71 6.56 -25.41
N GLU A 380 -7.02 6.53 -25.60
CA GLU A 380 -7.52 7.49 -26.59
C GLU A 380 -7.77 8.86 -25.97
N PHE A 381 -8.25 8.87 -24.75
CA PHE A 381 -8.58 10.11 -24.06
C PHE A 381 -7.72 10.33 -22.81
N ARG A 382 -6.84 9.41 -22.46
CA ARG A 382 -6.03 9.54 -21.26
C ARG A 382 -4.57 9.24 -21.58
N THR A 383 -3.69 9.74 -20.73
CA THR A 383 -2.27 9.45 -20.93
C THR A 383 -1.57 9.28 -19.58
N ALA A 384 -0.73 8.26 -19.51
CA ALA A 384 0.17 8.11 -18.38
C ALA A 384 1.01 9.37 -18.26
N ALA A 385 1.34 9.73 -17.02
CA ALA A 385 1.98 11.01 -16.79
C ALA A 385 2.89 10.93 -15.57
N VAL A 386 3.87 11.83 -15.54
CA VAL A 386 4.68 12.11 -14.36
C VAL A 386 4.58 13.62 -14.16
N GLU A 387 3.92 14.04 -13.09
CA GLU A 387 3.57 15.46 -12.94
C GLU A 387 3.99 16.00 -11.59
N GLY A 388 4.45 17.24 -11.59
CA GLY A 388 4.84 17.93 -10.38
C GLY A 388 5.05 19.41 -10.64
N PRO A 389 5.33 20.17 -9.58
CA PRO A 389 5.43 19.72 -8.20
C PRO A 389 4.09 19.73 -7.48
N PHE A 390 3.94 18.95 -6.43
CA PHE A 390 2.79 19.01 -5.54
C PHE A 390 3.29 19.33 -4.15
N VAL A 391 2.45 19.98 -3.36
CA VAL A 391 2.78 20.24 -1.98
C VAL A 391 2.14 19.15 -1.14
N THR A 392 2.92 18.58 -0.25
CA THR A 392 2.48 17.50 0.63
C THR A 392 3.16 17.72 1.96
N LEU A 393 2.36 17.97 3.00
CA LEU A 393 2.90 18.19 4.32
C LEU A 393 3.21 16.86 5.02
N ASP A 394 4.17 16.91 5.96
CA ASP A 394 4.48 15.79 6.85
C ASP A 394 4.77 14.48 6.12
N MET A 395 5.52 14.54 5.02
CA MET A 395 5.78 13.33 4.24
C MET A 395 6.58 12.30 5.04
N GLU A 396 7.45 12.75 5.96
CA GLU A 396 8.25 11.81 6.74
C GLU A 396 7.38 10.89 7.58
N ASP A 397 6.20 11.36 8.00
CA ASP A 397 5.27 10.52 8.73
C ASP A 397 4.75 9.35 7.89
N CYS A 398 4.99 9.35 6.57
CA CYS A 398 4.45 8.28 5.75
C CYS A 398 5.31 7.04 5.77
N GLY A 399 6.57 7.15 6.17
CA GLY A 399 7.44 6.00 6.27
C GLY A 399 7.11 5.17 7.50
N TYR A 400 7.11 3.85 7.33
CA TYR A 400 6.88 2.94 8.43
C TYR A 400 8.19 2.65 9.15
N ASN A 401 8.11 2.53 10.48
CA ASN A 401 9.28 2.27 11.31
C ASN A 401 9.15 0.98 12.10
N SER B 14 16.48 -32.68 -4.15
CA SER B 14 15.14 -32.12 -4.16
C SER B 14 14.77 -31.52 -2.79
N PHE B 15 15.78 -31.33 -1.95
CA PHE B 15 15.58 -30.72 -0.64
C PHE B 15 15.27 -29.24 -0.73
N VAL B 16 15.52 -28.61 -1.88
CA VAL B 16 15.26 -27.17 -2.02
C VAL B 16 13.82 -26.82 -1.67
N GLU B 17 12.88 -27.74 -1.91
CA GLU B 17 11.47 -27.49 -1.62
C GLU B 17 11.21 -27.26 -0.13
N MET B 18 12.13 -27.69 0.74
CA MET B 18 11.96 -27.55 2.17
C MET B 18 12.81 -26.42 2.76
N VAL B 19 13.68 -25.83 1.96
CA VAL B 19 14.42 -24.66 2.41
C VAL B 19 13.43 -23.54 2.72
N ASP B 20 13.66 -22.86 3.85
CA ASP B 20 12.84 -21.72 4.27
C ASP B 20 11.42 -22.13 4.61
N ASN B 21 11.19 -23.36 5.08
CA ASN B 21 9.83 -23.77 5.41
C ASN B 21 9.46 -23.53 6.88
N LEU B 22 10.32 -22.86 7.65
CA LEU B 22 10.03 -22.56 9.04
C LEU B 22 9.85 -21.06 9.24
N ARG B 23 8.97 -20.71 10.18
CA ARG B 23 8.74 -19.34 10.61
C ARG B 23 8.60 -19.32 12.13
N GLY B 24 8.70 -18.13 12.70
CA GLY B 24 8.47 -18.00 14.13
C GLY B 24 8.66 -16.56 14.56
N LYS B 25 8.45 -16.36 15.85
CA LYS B 25 8.75 -15.11 16.53
C LYS B 25 9.76 -15.41 17.63
N SER B 26 10.64 -14.44 17.87
CA SER B 26 11.69 -14.59 18.87
C SER B 26 11.10 -15.03 20.22
N GLY B 27 11.69 -16.07 20.79
CA GLY B 27 11.23 -16.60 22.06
C GLY B 27 9.92 -17.35 22.02
N GLN B 28 9.36 -17.61 20.82
CA GLN B 28 8.09 -18.31 20.70
C GLN B 28 8.20 -19.55 19.82
N GLY B 29 9.41 -20.03 19.56
CA GLY B 29 9.60 -21.27 18.83
C GLY B 29 9.52 -21.11 17.32
N TYR B 30 9.79 -22.21 16.63
CA TYR B 30 9.77 -22.27 15.17
C TYR B 30 8.69 -23.25 14.75
N TYR B 31 7.88 -22.87 13.76
CA TYR B 31 6.80 -23.75 13.35
C TYR B 31 6.84 -24.02 11.85
N VAL B 32 6.22 -25.13 11.49
CA VAL B 32 6.10 -25.57 10.10
C VAL B 32 4.61 -25.75 9.78
N GLU B 33 4.25 -25.54 8.52
CA GLU B 33 2.88 -25.73 8.10
C GLU B 33 2.61 -27.20 7.82
N MET B 34 1.48 -27.69 8.31
CA MET B 34 1.06 -29.07 8.11
C MET B 34 -0.42 -29.06 7.75
N THR B 35 -0.90 -30.20 7.25
CA THR B 35 -2.33 -30.39 7.09
C THR B 35 -2.73 -31.69 7.76
N VAL B 36 -3.92 -31.70 8.35
CA VAL B 36 -4.46 -32.86 9.02
C VAL B 36 -5.89 -33.08 8.52
N GLY B 37 -6.27 -34.33 8.31
CA GLY B 37 -7.64 -34.67 7.99
C GLY B 37 -7.98 -34.59 6.51
N SER B 38 -9.21 -35.02 6.20
CA SER B 38 -9.74 -35.03 4.84
C SER B 38 -11.13 -34.41 4.86
N PRO B 39 -11.35 -33.26 4.19
CA PRO B 39 -10.37 -32.46 3.44
C PRO B 39 -9.30 -31.86 4.35
N PRO B 40 -8.11 -31.60 3.80
CA PRO B 40 -6.98 -31.17 4.63
C PRO B 40 -7.28 -29.88 5.39
N GLN B 41 -6.97 -29.88 6.68
CA GLN B 41 -7.08 -28.71 7.52
C GLN B 41 -5.68 -28.17 7.80
N THR B 42 -5.43 -26.90 7.45
CA THR B 42 -4.10 -26.31 7.57
C THR B 42 -3.85 -25.77 8.98
N LEU B 43 -2.69 -26.10 9.53
CA LEU B 43 -2.30 -25.65 10.86
C LEU B 43 -0.80 -25.40 10.89
N ASN B 44 -0.37 -24.42 11.68
CA ASN B 44 1.04 -24.18 11.93
C ASN B 44 1.46 -24.95 13.18
N ILE B 45 2.52 -25.74 13.05
CA ILE B 45 2.90 -26.72 14.07
C ILE B 45 4.31 -26.44 14.56
N LEU B 46 4.45 -26.25 15.88
CA LEU B 46 5.75 -25.99 16.48
C LEU B 46 6.64 -27.22 16.40
N VAL B 47 7.86 -27.03 15.94
CA VAL B 47 8.83 -28.11 15.75
C VAL B 47 9.61 -28.29 17.05
N ASP B 48 9.43 -29.44 17.71
CA ASP B 48 10.00 -29.68 19.04
C ASP B 48 10.82 -30.98 19.11
N THR B 49 12.15 -30.87 19.04
CA THR B 49 12.99 -32.04 19.25
C THR B 49 13.10 -32.45 20.72
N GLY B 50 12.49 -31.72 21.63
CA GLY B 50 12.52 -32.08 23.05
C GLY B 50 11.31 -32.83 23.58
N SER B 51 10.41 -33.29 22.72
CA SER B 51 9.25 -34.05 23.17
C SER B 51 8.86 -34.98 22.04
N SER B 52 7.84 -35.81 22.27
CA SER B 52 7.52 -36.85 21.30
C SER B 52 6.03 -37.01 20.98
N ASN B 53 5.19 -36.08 21.37
CA ASN B 53 3.77 -36.15 21.04
C ASN B 53 3.44 -35.16 19.93
N PHE B 54 2.66 -35.62 18.98
CA PHE B 54 2.06 -34.74 17.98
C PHE B 54 0.69 -34.31 18.51
N ALA B 55 0.51 -33.01 18.72
CA ALA B 55 -0.71 -32.53 19.34
C ALA B 55 -1.14 -31.22 18.70
N VAL B 56 -2.45 -31.00 18.60
CA VAL B 56 -2.97 -29.79 18.00
C VAL B 56 -4.13 -29.26 18.83
N GLY B 57 -4.24 -27.93 18.87
CA GLY B 57 -5.42 -27.33 19.46
C GLY B 57 -6.65 -27.88 18.74
N ALA B 58 -7.63 -28.38 19.50
CA ALA B 58 -8.82 -28.95 18.89
C ALA B 58 -10.09 -28.43 19.56
N ALA B 59 -9.98 -27.30 20.24
CA ALA B 59 -11.09 -26.67 20.94
C ALA B 59 -10.81 -25.17 20.99
N PRO B 60 -11.85 -24.35 21.07
CA PRO B 60 -11.62 -22.89 21.11
C PRO B 60 -10.69 -22.50 22.25
N HIS B 61 -9.92 -21.44 22.00
CA HIS B 61 -8.99 -20.93 22.99
C HIS B 61 -8.70 -19.48 22.63
N PRO B 62 -8.57 -18.59 23.61
CA PRO B 62 -8.34 -17.16 23.29
C PRO B 62 -7.15 -16.91 22.38
N PHE B 63 -6.09 -17.72 22.49
CA PHE B 63 -4.86 -17.49 21.76
C PHE B 63 -4.77 -18.28 20.45
N LEU B 64 -5.78 -19.08 20.13
CA LEU B 64 -5.76 -19.90 18.92
C LEU B 64 -6.47 -19.17 17.79
N HIS B 65 -5.76 -18.94 16.69
CA HIS B 65 -6.38 -18.38 15.49
C HIS B 65 -7.32 -19.39 14.85
N ARG B 66 -7.03 -20.67 15.02
CA ARG B 66 -7.78 -21.75 14.39
C ARG B 66 -7.47 -23.02 15.15
N TYR B 67 -8.18 -24.10 14.81
CA TYR B 67 -7.93 -25.37 15.48
C TYR B 67 -8.48 -26.51 14.63
N TYR B 68 -8.08 -27.71 15.02
CA TYR B 68 -8.46 -28.94 14.35
C TYR B 68 -9.90 -29.31 14.69
N GLN B 69 -10.72 -29.53 13.65
CA GLN B 69 -12.14 -29.87 13.83
C GLN B 69 -12.32 -31.33 13.40
N ARG B 70 -12.27 -32.23 14.39
CA ARG B 70 -12.31 -33.66 14.08
C ARG B 70 -13.58 -34.06 13.34
N GLN B 71 -14.71 -33.41 13.64
CA GLN B 71 -15.98 -33.78 13.04
C GLN B 71 -15.99 -33.57 11.53
N LEU B 72 -15.14 -32.67 11.02
CA LEU B 72 -15.06 -32.36 9.59
C LEU B 72 -14.10 -33.26 8.82
N SER B 73 -13.45 -34.22 9.47
CA SER B 73 -12.48 -35.07 8.80
C SER B 73 -13.05 -36.47 8.64
N SER B 74 -13.19 -36.91 7.39
CA SER B 74 -13.75 -38.23 7.13
C SER B 74 -12.76 -39.33 7.44
N THR B 75 -11.47 -39.01 7.58
CA THR B 75 -10.46 -39.99 7.89
C THR B 75 -10.07 -40.00 9.36
N TYR B 76 -10.70 -39.14 10.17
CA TYR B 76 -10.42 -39.12 11.60
C TYR B 76 -10.87 -40.42 12.26
N ARG B 77 -10.03 -40.94 13.16
CA ARG B 77 -10.37 -42.13 13.94
C ARG B 77 -10.11 -41.85 15.41
N ASP B 78 -11.12 -42.03 16.24
CA ASP B 78 -10.99 -41.85 17.68
C ASP B 78 -10.34 -43.09 18.30
N LEU B 79 -9.32 -42.88 19.14
CA LEU B 79 -8.68 -43.98 19.85
C LEU B 79 -9.30 -44.22 21.23
N ARG B 80 -10.23 -43.36 21.66
CA ARG B 80 -10.96 -43.51 22.92
C ARG B 80 -10.03 -43.64 24.12
N LYS B 81 -9.00 -42.80 24.15
CA LYS B 81 -8.06 -42.74 25.26
C LYS B 81 -7.61 -41.30 25.44
N GLY B 82 -7.57 -40.85 26.69
CA GLY B 82 -7.08 -39.53 26.98
C GLY B 82 -5.55 -39.52 27.07
N VAL B 83 -5.00 -38.31 27.18
CA VAL B 83 -3.56 -38.15 27.26
C VAL B 83 -3.28 -36.82 27.95
N TYR B 84 -2.16 -36.76 28.66
CA TYR B 84 -1.71 -35.55 29.33
C TYR B 84 -0.21 -35.43 29.11
N VAL B 85 0.26 -34.21 28.86
CA VAL B 85 1.69 -33.99 28.66
C VAL B 85 2.14 -32.80 29.50
N PRO B 86 2.98 -33.00 30.50
CA PRO B 86 3.54 -31.87 31.25
C PRO B 86 4.96 -31.52 30.78
N TYR B 87 5.17 -30.32 30.27
CA TYR B 87 6.51 -29.90 29.87
C TYR B 87 7.22 -29.28 31.08
N THR B 88 8.43 -28.74 30.86
CA THR B 88 9.09 -28.02 31.94
C THR B 88 8.26 -26.81 32.36
N GLN B 89 7.69 -26.11 31.40
CA GLN B 89 6.71 -25.06 31.65
C GLN B 89 5.60 -25.27 30.63
N GLY B 90 4.36 -25.36 31.10
CA GLY B 90 3.24 -25.58 30.20
C GLY B 90 2.77 -27.02 30.20
N LYS B 91 1.50 -27.21 29.89
CA LYS B 91 0.92 -28.55 29.88
C LYS B 91 -0.42 -28.50 29.16
N TRP B 92 -0.86 -29.66 28.69
CA TRP B 92 -2.17 -29.80 28.07
C TRP B 92 -2.67 -31.23 28.30
N GLU B 93 -3.96 -31.41 28.06
CA GLU B 93 -4.57 -32.72 28.07
C GLU B 93 -5.48 -32.77 26.86
N GLY B 94 -5.79 -33.98 26.40
CA GLY B 94 -6.67 -34.10 25.27
C GLY B 94 -7.06 -35.53 25.00
N GLU B 95 -7.53 -35.74 23.77
CA GLU B 95 -8.09 -37.01 23.33
C GLU B 95 -7.25 -37.58 22.20
N LEU B 96 -6.85 -38.85 22.31
CA LEU B 96 -6.03 -39.48 21.30
C LEU B 96 -6.86 -39.96 20.11
N GLY B 97 -6.24 -39.94 18.94
CA GLY B 97 -6.85 -40.42 17.71
C GLY B 97 -5.81 -40.45 16.61
N THR B 98 -6.25 -40.87 15.43
CA THR B 98 -5.37 -40.88 14.26
C THR B 98 -6.07 -40.18 13.09
N ASP B 99 -5.25 -39.68 12.16
CA ASP B 99 -5.75 -39.03 10.96
C ASP B 99 -4.62 -38.97 9.95
N LEU B 100 -4.96 -38.57 8.72
CA LEU B 100 -3.97 -38.41 7.67
C LEU B 100 -3.29 -37.05 7.82
N VAL B 101 -1.96 -37.04 7.65
CA VAL B 101 -1.18 -35.83 7.86
C VAL B 101 -0.22 -35.66 6.69
N SER B 102 -0.03 -34.41 6.26
CA SER B 102 0.94 -34.07 5.23
C SER B 102 1.67 -32.80 5.64
N ILE B 103 2.81 -32.59 5.01
CA ILE B 103 3.63 -31.40 5.19
C ILE B 103 3.77 -30.72 3.83
N PRO B 104 3.00 -29.64 3.58
CA PRO B 104 3.04 -29.00 2.26
C PRO B 104 4.43 -28.65 1.73
N HIS B 105 5.28 -28.03 2.53
CA HIS B 105 6.66 -27.73 2.12
C HIS B 105 7.62 -28.75 2.74
N GLY B 106 7.33 -30.01 2.47
CA GLY B 106 8.10 -31.13 2.97
C GLY B 106 8.05 -32.23 1.95
N PRO B 107 8.39 -33.45 2.37
CA PRO B 107 8.33 -34.59 1.45
C PRO B 107 6.90 -34.76 0.92
N ASN B 108 6.80 -35.23 -0.32
CA ASN B 108 5.50 -35.35 -0.99
C ASN B 108 4.83 -36.67 -0.59
N VAL B 109 4.44 -36.75 0.69
CA VAL B 109 3.82 -37.97 1.21
C VAL B 109 2.66 -37.62 2.14
N THR B 110 1.83 -38.63 2.41
CA THR B 110 0.74 -38.53 3.36
C THR B 110 0.85 -39.72 4.28
N VAL B 111 0.71 -39.49 5.60
CA VAL B 111 0.82 -40.58 6.56
C VAL B 111 -0.34 -40.53 7.54
N ARG B 112 -0.73 -41.70 8.03
CA ARG B 112 -1.64 -41.78 9.14
C ARG B 112 -0.81 -41.73 10.41
N ALA B 113 -1.09 -40.77 11.28
CA ALA B 113 -0.28 -40.53 12.46
C ALA B 113 -1.17 -40.41 13.69
N ASN B 114 -0.57 -40.69 14.85
CA ASN B 114 -1.22 -40.38 16.11
C ASN B 114 -1.31 -38.88 16.28
N ILE B 115 -2.46 -38.41 16.75
CA ILE B 115 -2.69 -36.99 16.95
C ILE B 115 -3.43 -36.82 18.26
N ALA B 116 -2.88 -36.01 19.15
CA ALA B 116 -3.58 -35.67 20.39
C ALA B 116 -4.39 -34.40 20.14
N ALA B 117 -5.71 -34.50 20.29
CA ALA B 117 -6.60 -33.36 20.18
C ALA B 117 -6.63 -32.62 21.51
N ILE B 118 -5.99 -31.45 21.57
CA ILE B 118 -5.88 -30.71 22.82
C ILE B 118 -7.22 -30.06 23.16
N THR B 119 -7.77 -30.43 24.33
CA THR B 119 -9.02 -29.86 24.79
C THR B 119 -8.86 -28.90 25.97
N GLU B 120 -7.80 -29.01 26.77
CA GLU B 120 -7.52 -28.04 27.82
C GLU B 120 -6.01 -27.85 27.94
N SER B 121 -5.60 -26.63 28.28
CA SER B 121 -4.18 -26.34 28.37
C SER B 121 -3.91 -25.24 29.39
N ASP B 122 -2.65 -25.16 29.81
CA ASP B 122 -2.21 -24.16 30.77
C ASP B 122 -0.80 -23.72 30.41
N LYS B 123 -0.63 -22.42 30.17
CA LYS B 123 0.69 -21.85 29.87
C LYS B 123 1.35 -22.55 28.70
N PHE B 124 0.55 -23.03 27.75
CA PHE B 124 1.08 -23.70 26.56
C PHE B 124 0.98 -22.81 25.33
N PHE B 125 -0.23 -22.47 24.90
CA PHE B 125 -0.39 -21.57 23.76
C PHE B 125 0.02 -20.15 24.16
N ILE B 126 0.55 -19.41 23.19
CA ILE B 126 1.11 -18.08 23.43
C ILE B 126 0.25 -17.06 22.68
N ASN B 127 -0.08 -15.95 23.37
CA ASN B 127 -0.87 -14.88 22.77
C ASN B 127 -0.19 -14.33 21.52
N GLY B 128 -0.85 -14.48 20.37
CA GLY B 128 -0.35 -14.00 19.09
C GLY B 128 0.87 -14.71 18.56
N SER B 129 0.92 -16.04 18.67
CA SER B 129 2.12 -16.79 18.28
C SER B 129 2.11 -17.26 16.84
N ASN B 130 0.94 -17.55 16.29
CA ASN B 130 0.67 -18.07 14.93
C ASN B 130 0.84 -19.57 14.80
N TRP B 131 1.08 -20.32 15.88
CA TRP B 131 1.05 -21.78 15.79
C TRP B 131 -0.05 -22.33 16.67
N GLU B 132 -0.56 -23.50 16.29
CA GLU B 132 -1.70 -24.11 16.95
C GLU B 132 -1.45 -25.53 17.45
N GLY B 133 -0.25 -26.08 17.27
CA GLY B 133 0.03 -27.43 17.70
C GLY B 133 1.52 -27.65 17.84
N ILE B 134 1.90 -28.87 18.17
CA ILE B 134 3.30 -29.19 18.44
C ILE B 134 3.63 -30.52 17.78
N LEU B 135 4.82 -30.59 17.19
CA LEU B 135 5.33 -31.78 16.52
C LEU B 135 6.52 -32.24 17.34
N GLY B 136 6.29 -33.24 18.19
CA GLY B 136 7.37 -33.83 18.97
C GLY B 136 8.17 -34.79 18.12
N LEU B 137 9.44 -34.48 17.90
CA LEU B 137 10.31 -35.23 17.00
C LEU B 137 11.25 -36.20 17.70
N ALA B 138 11.17 -36.32 19.03
CA ALA B 138 12.04 -37.23 19.76
C ALA B 138 11.42 -38.63 19.75
N TYR B 139 11.98 -39.54 20.54
CA TYR B 139 11.67 -40.96 20.43
C TYR B 139 10.51 -41.39 21.33
N ALA B 140 9.95 -42.57 21.01
CA ALA B 140 8.75 -43.08 21.69
C ALA B 140 8.93 -43.21 23.20
N GLU B 141 10.16 -43.43 23.66
CA GLU B 141 10.37 -43.66 25.09
C GLU B 141 9.83 -42.53 25.96
N ILE B 142 9.79 -41.30 25.45
CA ILE B 142 9.27 -40.19 26.26
C ILE B 142 7.88 -39.75 25.80
N ALA B 143 7.23 -40.51 24.93
CA ALA B 143 5.88 -40.18 24.51
C ALA B 143 4.89 -40.43 25.66
N ARG B 144 3.88 -39.61 25.73
CA ARG B 144 2.78 -39.90 26.64
C ARG B 144 1.59 -40.44 25.84
N PRO B 145 0.75 -41.33 26.41
CA PRO B 145 0.87 -41.82 27.80
C PRO B 145 2.01 -42.79 28.00
N ASP B 146 2.50 -43.45 26.96
CA ASP B 146 3.61 -44.38 27.09
C ASP B 146 4.24 -44.62 25.73
N ASP B 147 5.31 -45.43 25.72
CA ASP B 147 6.10 -45.60 24.51
C ASP B 147 5.42 -46.44 23.45
N SER B 148 4.17 -46.85 23.66
CA SER B 148 3.43 -47.52 22.59
C SER B 148 2.75 -46.55 21.66
N LEU B 149 2.68 -45.26 22.01
CA LEU B 149 2.11 -44.27 21.09
C LEU B 149 3.23 -43.83 20.13
N GLU B 150 3.20 -44.39 18.94
CA GLU B 150 4.22 -44.14 17.94
C GLU B 150 4.32 -42.67 17.57
N PRO B 151 5.48 -42.05 17.73
CA PRO B 151 5.62 -40.64 17.34
C PRO B 151 5.53 -40.46 15.84
N PHE B 152 5.26 -39.21 15.43
CA PHE B 152 5.04 -38.89 14.03
C PHE B 152 6.20 -39.33 13.13
N PHE B 153 7.43 -39.01 13.51
CA PHE B 153 8.54 -39.29 12.60
C PHE B 153 8.72 -40.78 12.40
N ASP B 154 8.49 -41.57 13.44
CA ASP B 154 8.51 -43.02 13.28
C ASP B 154 7.44 -43.47 12.29
N SER B 155 6.24 -42.89 12.39
CA SER B 155 5.19 -43.26 11.44
C SER B 155 5.58 -42.87 10.03
N LEU B 156 6.15 -41.67 9.87
CA LEU B 156 6.56 -41.20 8.55
C LEU B 156 7.56 -42.17 7.91
N VAL B 157 8.59 -42.55 8.67
CA VAL B 157 9.63 -43.43 8.17
C VAL B 157 9.06 -44.82 7.86
N LYS B 158 8.16 -45.31 8.73
CA LYS B 158 7.62 -46.65 8.50
C LYS B 158 6.70 -46.70 7.29
N GLN B 159 5.90 -45.65 7.07
CA GLN B 159 4.91 -45.69 6.01
C GLN B 159 5.43 -45.20 4.66
N THR B 160 6.62 -44.59 4.61
CA THR B 160 7.14 -44.03 3.37
C THR B 160 8.60 -44.44 3.18
N HIS B 161 9.19 -43.92 2.11
CA HIS B 161 10.59 -44.17 1.80
C HIS B 161 11.51 -43.05 2.29
N VAL B 162 10.98 -42.14 3.10
CA VAL B 162 11.75 -41.03 3.67
C VAL B 162 12.89 -41.60 4.51
N PRO B 163 14.15 -41.21 4.23
CA PRO B 163 15.25 -41.68 5.07
C PRO B 163 15.08 -41.21 6.51
N ASN B 164 15.62 -42.01 7.43
CA ASN B 164 15.41 -41.82 8.87
C ASN B 164 16.39 -40.76 9.41
N LEU B 165 16.14 -39.53 8.99
CA LEU B 165 16.87 -38.39 9.56
C LEU B 165 16.22 -37.10 9.12
N PHE B 166 16.48 -36.04 9.90
CA PHE B 166 16.04 -34.71 9.54
C PHE B 166 17.09 -33.73 10.05
N SER B 167 17.06 -32.52 9.51
CA SER B 167 18.01 -31.50 9.93
C SER B 167 17.27 -30.17 10.12
N LEU B 168 17.77 -29.36 11.03
CA LEU B 168 17.13 -28.11 11.42
C LEU B 168 18.12 -26.97 11.25
N GLN B 169 17.72 -25.95 10.50
CA GLN B 169 18.47 -24.71 10.40
C GLN B 169 17.56 -23.65 11.00
N LEU B 170 17.80 -23.29 12.26
CA LEU B 170 17.02 -22.26 12.94
C LEU B 170 17.78 -20.94 12.86
N CYS B 171 17.18 -19.91 12.28
CA CYS B 171 17.88 -18.64 12.11
C CYS B 171 17.38 -17.62 13.11
N GLY B 172 18.31 -16.81 13.63
CA GLY B 172 18.00 -15.75 14.55
C GLY B 172 17.59 -14.47 13.84
N ALA B 173 17.72 -13.37 14.57
CA ALA B 173 17.45 -12.04 14.01
C ALA B 173 18.49 -11.65 12.96
N SER B 185 8.90 -12.81 12.05
CA SER B 185 10.13 -12.18 12.53
C SER B 185 11.37 -13.06 12.43
N VAL B 186 11.18 -14.38 12.43
CA VAL B 186 12.29 -15.32 12.36
C VAL B 186 11.94 -16.45 11.38
N GLY B 187 12.97 -17.10 10.83
CA GLY B 187 12.74 -18.17 9.88
C GLY B 187 13.77 -19.27 9.98
N GLY B 188 13.66 -20.25 9.09
CA GLY B 188 14.59 -21.35 9.06
C GLY B 188 14.14 -22.46 8.14
N SER B 189 14.82 -23.61 8.24
CA SER B 189 14.55 -24.77 7.40
C SER B 189 14.55 -26.04 8.23
N MET B 190 13.58 -26.90 7.94
CA MET B 190 13.54 -28.28 8.43
C MET B 190 13.58 -29.19 7.21
N ILE B 191 14.73 -29.82 6.98
CA ILE B 191 14.93 -30.74 5.87
C ILE B 191 14.54 -32.13 6.35
N ILE B 192 13.43 -32.66 5.85
CA ILE B 192 12.96 -33.98 6.26
C ILE B 192 13.51 -35.02 5.30
N GLY B 193 14.30 -35.95 5.85
CA GLY B 193 14.88 -37.03 5.08
C GLY B 193 16.29 -36.80 4.56
N GLY B 194 16.97 -35.75 4.99
CA GLY B 194 18.31 -35.54 4.49
C GLY B 194 18.95 -34.26 4.97
N ILE B 195 20.05 -33.95 4.28
CA ILE B 195 20.94 -32.84 4.59
C ILE B 195 21.02 -31.97 3.35
N ASP B 196 20.81 -30.65 3.51
CA ASP B 196 20.91 -29.72 2.38
C ASP B 196 22.22 -28.93 2.54
N HIS B 197 23.14 -29.14 1.62
CA HIS B 197 24.46 -28.53 1.73
C HIS B 197 24.44 -27.01 1.59
N SER B 198 23.38 -26.43 1.02
CA SER B 198 23.38 -24.98 0.96
C SER B 198 23.09 -24.36 2.31
N LEU B 199 22.72 -25.15 3.33
CA LEU B 199 22.35 -24.58 4.61
C LEU B 199 23.50 -24.46 5.60
N TYR B 200 24.73 -24.86 5.24
CA TYR B 200 25.83 -24.73 6.18
C TYR B 200 27.14 -24.53 5.45
N THR B 201 28.15 -24.07 6.19
CA THR B 201 29.52 -23.94 5.69
C THR B 201 30.46 -24.74 6.58
N GLY B 202 31.63 -25.08 6.04
CA GLY B 202 32.60 -25.86 6.77
C GLY B 202 32.11 -27.31 6.89
N SER B 203 32.67 -27.99 7.88
CA SER B 203 32.37 -29.41 8.07
C SER B 203 31.33 -29.67 9.13
N LEU B 204 30.63 -30.78 8.97
CA LEU B 204 29.73 -31.31 9.98
C LEU B 204 30.53 -32.10 10.99
N TRP B 205 30.29 -31.87 12.28
CA TRP B 205 30.90 -32.62 13.37
C TRP B 205 29.80 -33.37 14.10
N TYR B 206 30.03 -34.65 14.38
CA TYR B 206 28.99 -35.50 14.95
C TYR B 206 29.30 -35.92 16.38
N THR B 207 28.25 -35.95 17.21
CA THR B 207 28.33 -36.45 18.57
C THR B 207 27.32 -37.59 18.72
N PRO B 208 27.68 -38.67 19.39
CA PRO B 208 26.77 -39.82 19.47
C PRO B 208 25.51 -39.45 20.24
N ILE B 209 24.38 -40.01 19.81
CA ILE B 209 23.17 -39.98 20.64
C ILE B 209 23.34 -41.03 21.72
N ARG B 210 23.39 -40.59 22.98
CA ARG B 210 23.73 -41.53 24.06
C ARG B 210 22.65 -42.59 24.23
N ARG B 211 21.39 -42.19 24.17
CA ARG B 211 20.25 -43.06 24.37
C ARG B 211 19.10 -42.44 23.59
N GLU B 212 18.30 -43.27 22.94
CA GLU B 212 17.20 -42.79 22.11
C GLU B 212 15.97 -42.57 22.98
N TRP B 213 15.88 -41.38 23.56
CA TRP B 213 14.64 -41.01 24.24
C TRP B 213 14.43 -39.52 23.97
N TYR B 214 15.05 -38.65 24.76
CA TYR B 214 15.40 -37.34 24.25
C TYR B 214 16.52 -37.53 23.21
N TYR B 215 16.91 -36.46 22.52
CA TYR B 215 18.18 -36.47 21.78
C TYR B 215 19.28 -36.15 22.78
N GLU B 216 19.72 -37.20 23.49
CA GLU B 216 20.66 -37.03 24.58
C GLU B 216 22.09 -37.07 24.06
N VAL B 217 22.89 -36.09 24.50
CA VAL B 217 24.29 -36.01 24.12
C VAL B 217 25.11 -35.89 25.41
N ILE B 218 26.43 -35.96 25.26
CA ILE B 218 27.37 -35.87 26.37
C ILE B 218 28.28 -34.67 26.15
N ILE B 219 28.21 -33.72 27.07
CA ILE B 219 29.11 -32.57 27.11
C ILE B 219 30.33 -32.98 27.92
N VAL B 220 31.53 -32.78 27.35
CA VAL B 220 32.75 -33.28 27.99
C VAL B 220 33.62 -32.16 28.55
N ARG B 221 33.31 -30.90 28.27
CA ARG B 221 34.13 -29.78 28.73
C ARG B 221 33.33 -28.51 28.44
N VAL B 222 33.48 -27.52 29.32
CA VAL B 222 32.88 -26.21 29.13
C VAL B 222 33.92 -25.14 29.40
N GLU B 223 34.04 -24.17 28.50
CA GLU B 223 34.93 -23.03 28.65
C GLU B 223 34.13 -21.75 28.46
N ILE B 224 34.47 -20.73 29.22
CA ILE B 224 33.87 -19.41 29.07
C ILE B 224 35.02 -18.40 28.98
N ASN B 225 35.00 -17.58 27.93
CA ASN B 225 36.10 -16.67 27.65
C ASN B 225 37.42 -17.43 27.52
N GLY B 226 37.34 -18.63 26.93
CA GLY B 226 38.51 -19.47 26.75
C GLY B 226 39.02 -20.11 28.02
N GLN B 227 38.33 -19.93 29.13
CA GLN B 227 38.76 -20.42 30.43
C GLN B 227 37.92 -21.62 30.84
N ASP B 228 38.57 -22.73 31.14
CA ASP B 228 37.87 -23.94 31.56
C ASP B 228 37.08 -23.69 32.83
N LEU B 229 35.85 -24.22 32.87
CA LEU B 229 35.07 -24.13 34.10
C LEU B 229 35.65 -25.02 35.21
N LYS B 230 36.52 -25.96 34.88
CA LYS B 230 37.26 -26.77 35.86
C LYS B 230 36.28 -27.45 36.82
N MET B 231 35.31 -28.15 36.24
CA MET B 231 34.31 -28.90 36.97
C MET B 231 34.38 -30.37 36.58
N ASP B 232 33.92 -31.24 37.48
CA ASP B 232 33.70 -32.63 37.10
C ASP B 232 32.73 -32.66 35.92
N CYS B 233 33.16 -33.24 34.80
CA CYS B 233 32.35 -33.18 33.59
C CYS B 233 30.99 -33.87 33.76
N LYS B 234 30.82 -34.71 34.78
CA LYS B 234 29.50 -35.25 35.09
C LYS B 234 28.52 -34.14 35.45
N GLU B 235 29.00 -33.05 36.05
CA GLU B 235 28.13 -31.94 36.40
C GLU B 235 27.46 -31.32 35.17
N TYR B 236 28.15 -31.32 34.02
CA TYR B 236 27.59 -30.75 32.80
C TYR B 236 26.40 -31.56 32.30
N ASN B 237 26.33 -32.85 32.66
CA ASN B 237 25.30 -33.74 32.15
C ASN B 237 24.44 -34.32 33.27
N TYR B 238 24.26 -33.55 34.35
CA TYR B 238 23.51 -34.01 35.51
C TYR B 238 22.12 -33.37 35.46
N ASP B 239 21.08 -34.18 35.22
CA ASP B 239 21.14 -35.64 35.05
C ASP B 239 21.11 -36.14 33.59
N LYS B 240 21.11 -35.20 32.65
CA LYS B 240 21.19 -35.48 31.21
C LYS B 240 21.50 -34.16 30.52
N SER B 241 21.90 -34.25 29.25
CA SER B 241 22.05 -33.10 28.35
C SER B 241 21.30 -33.43 27.07
N ILE B 242 20.46 -32.51 26.60
CA ILE B 242 19.61 -32.78 25.45
C ILE B 242 19.65 -31.63 24.47
N VAL B 243 19.29 -31.93 23.22
CA VAL B 243 19.19 -30.94 22.15
C VAL B 243 17.70 -30.72 21.87
N ASP B 244 17.23 -29.49 22.08
CA ASP B 244 15.78 -29.26 22.26
C ASP B 244 15.33 -27.96 21.57
N SER B 245 14.78 -28.09 20.37
CA SER B 245 14.30 -26.93 19.63
C SER B 245 13.05 -26.31 20.26
N GLY B 246 12.39 -27.02 21.16
CA GLY B 246 11.22 -26.52 21.87
C GLY B 246 11.51 -25.71 23.11
N THR B 247 12.78 -25.55 23.45
CA THR B 247 13.20 -24.72 24.57
C THR B 247 13.93 -23.49 24.04
N THR B 248 13.60 -22.31 24.59
CA THR B 248 14.26 -21.09 24.09
C THR B 248 15.72 -21.03 24.51
N ASN B 249 15.99 -21.16 25.81
CA ASN B 249 17.26 -20.82 26.40
C ASN B 249 18.25 -21.99 26.39
N LEU B 250 19.51 -21.64 26.66
CA LEU B 250 20.45 -22.63 27.16
C LEU B 250 20.13 -22.83 28.64
N ARG B 251 19.74 -24.04 29.01
CA ARG B 251 19.43 -24.32 30.41
C ARG B 251 20.55 -25.18 30.98
N LEU B 252 21.04 -24.83 32.17
CA LEU B 252 22.20 -25.46 32.77
C LEU B 252 21.90 -25.95 34.18
N PRO B 253 22.43 -27.11 34.57
CA PRO B 253 22.29 -27.56 35.96
C PRO B 253 22.80 -26.52 36.94
N LYS B 254 22.16 -26.47 38.12
CA LYS B 254 22.39 -25.42 39.12
C LYS B 254 23.87 -25.07 39.31
N LYS B 255 24.71 -26.06 39.62
CA LYS B 255 26.13 -25.78 39.84
C LYS B 255 26.77 -25.16 38.61
N VAL B 256 26.45 -25.67 37.42
CA VAL B 256 27.04 -25.12 36.20
C VAL B 256 26.52 -23.72 35.95
N PHE B 257 25.21 -23.51 36.14
CA PHE B 257 24.61 -22.19 35.96
C PHE B 257 25.30 -21.16 36.83
N GLU B 258 25.52 -21.48 38.10
CA GLU B 258 26.14 -20.52 38.99
C GLU B 258 27.56 -20.18 38.54
N ALA B 259 28.34 -21.21 38.18
CA ALA B 259 29.70 -20.96 37.70
C ALA B 259 29.68 -20.16 36.40
N ALA B 260 28.74 -20.48 35.50
CA ALA B 260 28.67 -19.77 34.23
C ALA B 260 28.28 -18.31 34.43
N VAL B 261 27.32 -18.04 35.31
CA VAL B 261 26.94 -16.65 35.58
C VAL B 261 28.11 -15.90 36.21
N LYS B 262 28.82 -16.57 37.14
CA LYS B 262 29.96 -15.93 37.79
C LYS B 262 31.04 -15.55 36.78
N SER B 263 31.28 -16.41 35.79
CA SER B 263 32.29 -16.10 34.78
C SER B 263 31.83 -15.01 33.83
N ILE B 264 30.56 -15.03 33.43
CA ILE B 264 30.06 -14.02 32.51
C ILE B 264 30.05 -12.64 33.18
N LYS B 265 29.70 -12.59 34.47
CA LYS B 265 29.72 -11.32 35.20
C LYS B 265 31.12 -10.70 35.22
N ALA B 266 32.13 -11.51 35.58
CA ALA B 266 33.50 -11.00 35.65
C ALA B 266 33.96 -10.48 34.29
N ALA B 267 33.75 -11.25 33.23
CA ALA B 267 34.15 -10.83 31.89
C ALA B 267 33.45 -9.55 31.47
N SER B 268 32.27 -9.27 32.01
CA SER B 268 31.47 -8.10 31.65
C SER B 268 31.44 -7.05 32.76
N SER B 269 32.43 -7.06 33.66
CA SER B 269 32.44 -6.13 34.79
C SER B 269 32.50 -4.67 34.37
N THR B 270 32.73 -4.36 33.09
CA THR B 270 32.74 -2.98 32.63
C THR B 270 31.38 -2.32 32.78
N GLU B 271 30.32 -3.12 32.93
CA GLU B 271 28.98 -2.62 33.19
C GLU B 271 28.37 -3.48 34.28
N LYS B 272 27.52 -2.87 35.11
CA LYS B 272 26.84 -3.59 36.18
C LYS B 272 25.40 -3.79 35.76
N PHE B 273 24.89 -5.00 35.97
CA PHE B 273 23.52 -5.30 35.59
C PHE B 273 22.73 -5.70 36.82
N PRO B 274 21.45 -5.30 36.89
CA PRO B 274 20.61 -5.71 38.03
C PRO B 274 20.60 -7.22 38.17
N ASP B 275 20.55 -7.68 39.43
CA ASP B 275 20.59 -9.12 39.67
C ASP B 275 19.43 -9.85 39.01
N GLY B 276 18.30 -9.15 38.80
CA GLY B 276 17.20 -9.76 38.07
C GLY B 276 17.49 -9.97 36.59
N PHE B 277 18.46 -9.25 36.04
CA PHE B 277 18.86 -9.51 34.66
C PHE B 277 19.43 -10.91 34.54
N TRP B 278 20.29 -11.29 35.47
CA TRP B 278 20.90 -12.63 35.47
C TRP B 278 19.90 -13.72 35.79
N LEU B 279 18.70 -13.38 36.23
CA LEU B 279 17.65 -14.35 36.50
C LEU B 279 16.67 -14.48 35.35
N GLY B 280 16.93 -13.82 34.22
CA GLY B 280 16.07 -13.86 33.06
C GLY B 280 14.79 -13.09 33.20
N GLU B 281 14.64 -12.31 34.28
CA GLU B 281 13.43 -11.54 34.55
C GLU B 281 13.54 -10.13 34.00
N GLN B 282 14.54 -9.37 34.47
CA GLN B 282 14.73 -8.00 34.01
C GLN B 282 15.58 -7.99 32.76
N LEU B 283 15.26 -7.09 31.83
CA LEU B 283 16.02 -6.93 30.60
C LEU B 283 16.86 -5.65 30.64
N VAL B 284 17.95 -5.66 29.88
CA VAL B 284 18.87 -4.53 29.80
C VAL B 284 18.80 -3.94 28.39
N CYS B 285 19.01 -2.63 28.29
CA CYS B 285 18.86 -1.94 27.01
C CYS B 285 20.07 -1.05 26.73
N TRP B 286 20.22 -0.73 25.44
CA TRP B 286 21.27 0.16 24.96
C TRP B 286 20.72 0.94 23.77
N GLN B 287 21.35 2.09 23.50
CA GLN B 287 20.94 2.89 22.35
C GLN B 287 21.09 2.09 21.06
N ALA B 288 20.06 2.14 20.22
CA ALA B 288 19.98 1.37 18.98
C ALA B 288 21.31 1.33 18.23
N GLY B 289 21.88 0.13 18.10
CA GLY B 289 23.13 -0.07 17.41
C GLY B 289 24.38 0.14 18.23
N THR B 290 24.27 0.25 19.56
CA THR B 290 25.41 0.49 20.43
C THR B 290 25.63 -0.63 21.45
N THR B 291 25.05 -1.80 21.23
CA THR B 291 25.21 -2.92 22.15
C THR B 291 26.69 -3.26 22.34
N PRO B 292 27.20 -3.30 23.58
CA PRO B 292 28.63 -3.59 23.85
C PRO B 292 28.95 -5.08 23.82
N TRP B 293 28.76 -5.69 22.65
CA TRP B 293 28.98 -7.13 22.51
C TRP B 293 30.34 -7.58 23.03
N ASN B 294 31.38 -6.78 22.78
CA ASN B 294 32.76 -7.19 23.07
C ASN B 294 33.00 -7.50 24.54
N ILE B 295 32.20 -6.93 25.45
CA ILE B 295 32.41 -7.19 26.87
C ILE B 295 31.79 -8.49 27.33
N PHE B 296 31.06 -9.20 26.46
CA PHE B 296 30.47 -10.49 26.83
C PHE B 296 31.28 -11.63 26.22
N PRO B 297 31.58 -12.66 27.00
CA PRO B 297 32.48 -13.73 26.53
C PRO B 297 31.78 -14.73 25.63
N VAL B 298 32.59 -15.51 24.95
CA VAL B 298 32.09 -16.64 24.18
C VAL B 298 32.04 -17.86 25.08
N ILE B 299 31.06 -18.73 24.85
CA ILE B 299 30.92 -19.99 25.56
C ILE B 299 31.21 -21.13 24.58
N SER B 300 32.13 -22.00 24.96
CA SER B 300 32.45 -23.18 24.16
C SER B 300 31.95 -24.42 24.88
N LEU B 301 31.10 -25.19 24.21
CA LEU B 301 30.65 -26.48 24.70
C LEU B 301 31.38 -27.54 23.90
N TYR B 302 32.13 -28.40 24.58
CA TYR B 302 32.81 -29.51 23.92
C TYR B 302 31.91 -30.73 24.01
N LEU B 303 31.69 -31.39 22.87
CA LEU B 303 30.85 -32.57 22.77
C LEU B 303 31.70 -33.79 22.46
N MET B 304 31.27 -34.93 22.99
CA MET B 304 31.89 -36.22 22.67
C MET B 304 31.86 -36.45 21.17
N GLY B 305 33.00 -36.89 20.62
CA GLY B 305 33.15 -37.13 19.20
C GLY B 305 32.86 -38.56 18.78
N GLU B 306 33.19 -38.86 17.52
CA GLU B 306 32.95 -40.17 16.93
C GLU B 306 34.09 -41.18 17.06
N VAL B 307 35.34 -40.74 17.27
CA VAL B 307 36.47 -41.67 17.38
C VAL B 307 37.08 -41.56 18.79
N THR B 308 37.96 -42.52 19.10
CA THR B 308 38.47 -42.68 20.45
C THR B 308 39.16 -41.40 20.92
N ASN B 309 38.78 -40.95 22.12
CA ASN B 309 39.41 -39.82 22.81
C ASN B 309 39.32 -38.52 22.00
N GLN B 310 38.34 -38.41 21.10
CA GLN B 310 38.19 -37.24 20.24
C GLN B 310 36.87 -36.52 20.53
N SER B 311 36.97 -35.20 20.69
CA SER B 311 35.81 -34.34 20.86
C SER B 311 35.86 -33.22 19.83
N PHE B 312 34.87 -32.33 19.92
CA PHE B 312 34.84 -31.11 19.12
C PHE B 312 34.10 -30.08 19.94
N ARG B 313 34.17 -28.82 19.54
CA ARG B 313 33.46 -27.79 20.28
C ARG B 313 32.56 -26.97 19.37
N ILE B 314 31.48 -26.49 19.95
CA ILE B 314 30.64 -25.46 19.35
C ILE B 314 30.79 -24.21 20.22
N THR B 315 30.98 -23.07 19.58
CA THR B 315 31.21 -21.81 20.28
C THR B 315 30.01 -20.88 20.10
N ILE B 316 29.55 -20.32 21.23
CA ILE B 316 28.33 -19.53 21.33
C ILE B 316 28.69 -18.07 21.59
N LEU B 317 28.13 -17.16 20.77
CA LEU B 317 28.37 -15.73 20.95
C LEU B 317 27.32 -15.08 21.84
N PRO B 318 27.61 -13.89 22.39
CA PRO B 318 26.59 -13.18 23.17
C PRO B 318 25.36 -12.84 22.34
N GLN B 319 25.53 -12.69 21.01
CA GLN B 319 24.37 -12.46 20.17
C GLN B 319 23.38 -13.61 20.22
N GLN B 320 23.81 -14.78 20.72
CA GLN B 320 22.92 -15.91 20.92
C GLN B 320 22.30 -15.92 22.32
N TYR B 321 23.10 -15.77 23.36
CA TYR B 321 22.54 -15.91 24.70
C TYR B 321 22.05 -14.59 25.27
N LEU B 322 22.04 -13.52 24.48
CA LEU B 322 21.34 -12.28 24.80
C LEU B 322 20.21 -12.17 23.78
N ARG B 323 19.04 -12.66 24.16
CA ARG B 323 17.92 -12.74 23.22
C ARG B 323 17.28 -11.38 23.04
N PRO B 324 17.08 -10.92 21.80
CA PRO B 324 16.44 -9.62 21.59
C PRO B 324 14.94 -9.72 21.84
N VAL B 325 14.39 -8.69 22.48
CA VAL B 325 12.98 -8.68 22.81
C VAL B 325 12.41 -7.36 22.30
N GLU B 326 11.55 -7.43 21.28
CA GLU B 326 10.92 -6.24 20.73
C GLU B 326 10.07 -5.57 21.80
N ASP B 327 10.36 -4.30 22.09
CA ASP B 327 9.58 -3.53 23.06
C ASP B 327 9.40 -2.13 22.49
N VAL B 328 8.41 -1.98 21.60
CA VAL B 328 8.07 -0.69 21.04
C VAL B 328 7.54 0.24 22.12
N ALA B 329 7.00 -0.31 23.22
CA ALA B 329 6.38 0.49 24.25
C ALA B 329 7.37 1.13 25.20
N THR B 330 8.63 0.70 25.18
CA THR B 330 9.66 1.39 25.95
C THR B 330 10.32 2.48 25.09
N SER B 331 10.92 2.08 23.98
CA SER B 331 11.60 2.98 23.05
C SER B 331 11.87 2.21 21.76
N GLN B 332 12.64 2.84 20.87
CA GLN B 332 13.08 2.26 19.61
C GLN B 332 14.55 1.87 19.73
N ASP B 333 14.92 1.30 20.88
CA ASP B 333 16.27 0.91 21.27
C ASP B 333 16.40 -0.61 21.29
N ASP B 334 17.62 -1.08 21.56
CA ASP B 334 17.92 -2.50 21.62
C ASP B 334 17.90 -3.00 23.06
N CYS B 335 16.96 -3.89 23.36
CA CYS B 335 16.82 -4.50 24.68
C CYS B 335 16.98 -6.00 24.56
N TYR B 336 17.56 -6.61 25.59
CA TYR B 336 17.85 -8.03 25.56
C TYR B 336 17.51 -8.67 26.90
N LYS B 337 17.21 -9.96 26.84
CA LYS B 337 17.00 -10.79 28.01
C LYS B 337 18.14 -11.81 28.10
N PHE B 338 18.58 -12.10 29.32
CA PHE B 338 19.58 -13.14 29.53
C PHE B 338 18.93 -14.49 29.24
N ALA B 339 19.37 -15.16 28.18
CA ALA B 339 18.77 -16.41 27.72
C ALA B 339 19.55 -17.64 28.18
N ILE B 340 20.11 -17.59 29.38
CA ILE B 340 20.71 -18.74 30.05
C ILE B 340 20.04 -18.86 31.40
N SER B 341 19.37 -19.97 31.65
CA SER B 341 18.66 -20.11 32.91
C SER B 341 19.01 -21.42 33.59
N GLN B 342 18.65 -21.49 34.86
CA GLN B 342 18.99 -22.62 35.72
C GLN B 342 18.01 -23.75 35.50
N SER B 343 18.53 -24.98 35.56
CA SER B 343 17.71 -26.17 35.34
C SER B 343 17.90 -27.13 36.50
N SER B 344 16.87 -27.93 36.79
CA SER B 344 17.01 -29.04 37.72
C SER B 344 16.80 -30.38 37.04
N THR B 345 16.76 -30.40 35.71
CA THR B 345 16.56 -31.63 34.94
C THR B 345 17.63 -31.77 33.85
N GLY B 346 18.81 -31.20 34.08
CA GLY B 346 19.93 -31.38 33.17
C GLY B 346 20.12 -30.22 32.22
N THR B 347 21.15 -30.35 31.37
CA THR B 347 21.42 -29.33 30.38
C THR B 347 20.41 -29.42 29.25
N VAL B 348 19.95 -28.25 28.78
CA VAL B 348 19.10 -28.16 27.59
C VAL B 348 19.78 -27.20 26.62
N MET B 349 20.17 -27.73 25.46
CA MET B 349 20.70 -26.91 24.37
C MET B 349 19.49 -26.47 23.54
N GLY B 350 18.95 -25.30 23.89
CA GLY B 350 17.75 -24.80 23.27
C GLY B 350 18.00 -24.02 22.00
N ALA B 351 16.94 -23.33 21.56
CA ALA B 351 16.95 -22.62 20.29
C ALA B 351 18.10 -21.61 20.21
N VAL B 352 18.39 -20.91 21.31
CA VAL B 352 19.46 -19.91 21.22
C VAL B 352 20.81 -20.58 20.98
N ILE B 353 20.98 -21.84 21.39
CA ILE B 353 22.20 -22.56 21.06
C ILE B 353 22.14 -23.03 19.61
N MET B 354 21.00 -23.60 19.19
CA MET B 354 20.86 -24.14 17.84
C MET B 354 20.91 -23.07 16.77
N GLU B 355 20.48 -21.84 17.10
CA GLU B 355 20.50 -20.74 16.13
C GLU B 355 21.92 -20.53 15.60
N GLY B 356 22.04 -20.31 14.31
CA GLY B 356 23.39 -20.19 13.80
C GLY B 356 24.16 -21.49 13.65
N PHE B 357 23.57 -22.64 14.00
CA PHE B 357 24.14 -23.94 13.62
C PHE B 357 23.15 -24.69 12.74
N TYR B 358 23.68 -25.51 11.87
CA TYR B 358 22.87 -26.48 11.15
C TYR B 358 23.00 -27.77 11.94
N VAL B 359 21.88 -28.29 12.42
CA VAL B 359 21.88 -29.43 13.34
C VAL B 359 21.22 -30.60 12.65
N VAL B 360 21.97 -31.69 12.50
CA VAL B 360 21.52 -32.88 11.77
C VAL B 360 21.12 -33.92 12.80
N PHE B 361 19.86 -34.35 12.77
CA PHE B 361 19.37 -35.40 13.68
C PHE B 361 19.41 -36.70 12.89
N ASP B 362 20.59 -37.32 12.91
CA ASP B 362 20.87 -38.53 12.11
C ASP B 362 20.46 -39.73 12.94
N ARG B 363 19.15 -39.96 13.00
CA ARG B 363 18.60 -41.08 13.76
C ARG B 363 19.12 -42.41 13.23
N ALA B 364 19.29 -42.53 11.91
CA ALA B 364 19.75 -43.80 11.33
C ALA B 364 21.10 -44.23 11.87
N ARG B 365 22.00 -43.26 12.09
CA ARG B 365 23.33 -43.59 12.59
C ARG B 365 23.52 -43.17 14.05
N LYS B 366 22.43 -42.84 14.74
CA LYS B 366 22.43 -42.52 16.17
C LYS B 366 23.45 -41.44 16.52
N ARG B 367 23.38 -40.32 15.81
CA ARG B 367 24.35 -39.25 16.02
C ARG B 367 23.70 -37.92 15.65
N ILE B 368 24.24 -36.84 16.19
CA ILE B 368 23.75 -35.50 15.90
C ILE B 368 24.91 -34.69 15.36
N GLY B 369 24.73 -34.08 14.20
CA GLY B 369 25.77 -33.28 13.57
C GLY B 369 25.57 -31.79 13.78
N PHE B 370 26.67 -31.07 13.92
CA PHE B 370 26.68 -29.63 14.05
C PHE B 370 27.59 -29.06 12.97
N ALA B 371 27.13 -27.99 12.34
CA ALA B 371 27.95 -27.20 11.42
C ALA B 371 27.52 -25.75 11.52
N VAL B 372 28.44 -24.86 11.17
CA VAL B 372 28.12 -23.44 11.13
C VAL B 372 27.02 -23.22 10.10
N SER B 373 25.96 -22.53 10.51
CA SER B 373 24.80 -22.33 9.67
C SER B 373 25.07 -21.29 8.57
N ALA B 374 24.39 -21.47 7.43
CA ALA B 374 24.43 -20.46 6.37
C ALA B 374 23.89 -19.12 6.86
N CYS B 375 23.04 -19.13 7.88
CA CYS B 375 22.61 -17.90 8.55
C CYS B 375 23.32 -17.77 9.90
N HIS B 376 24.66 -17.84 9.87
CA HIS B 376 25.42 -17.95 11.11
C HIS B 376 25.50 -16.63 11.88
N VAL B 377 25.68 -16.78 13.18
CA VAL B 377 25.80 -15.65 14.09
C VAL B 377 27.23 -15.12 14.02
N HIS B 378 27.37 -13.81 13.83
CA HIS B 378 28.69 -13.20 13.72
C HIS B 378 28.53 -11.69 13.75
N ASP B 379 29.54 -11.03 14.30
CA ASP B 379 29.62 -9.58 14.25
C ASP B 379 30.86 -9.22 13.44
N GLU B 380 31.53 -8.15 13.84
CA GLU B 380 32.73 -7.70 13.13
C GLU B 380 33.99 -8.39 13.63
N PHE B 381 34.05 -8.80 14.91
CA PHE B 381 35.27 -9.34 15.46
C PHE B 381 35.21 -10.84 15.80
N ARG B 382 34.03 -11.44 15.96
CA ARG B 382 33.94 -12.85 16.33
C ARG B 382 32.86 -13.56 15.52
N THR B 383 32.95 -14.89 15.47
CA THR B 383 31.97 -15.69 14.78
C THR B 383 31.72 -16.99 15.53
N ALA B 384 30.46 -17.42 15.55
CA ALA B 384 30.16 -18.76 16.03
C ALA B 384 30.94 -19.80 15.21
N ALA B 385 31.30 -20.90 15.84
CA ALA B 385 32.19 -21.85 15.20
C ALA B 385 31.86 -23.26 15.67
N VAL B 386 32.22 -24.22 14.81
CA VAL B 386 32.22 -25.65 15.13
C VAL B 386 33.63 -26.13 14.80
N GLU B 387 34.40 -26.49 15.82
CA GLU B 387 35.83 -26.70 15.65
C GLU B 387 36.23 -28.06 16.20
N GLY B 388 37.15 -28.72 15.49
CA GLY B 388 37.70 -29.99 15.93
C GLY B 388 38.88 -30.36 15.06
N PRO B 389 39.54 -31.49 15.36
CA PRO B 389 39.25 -32.36 16.51
C PRO B 389 39.96 -31.80 17.75
N PHE B 390 39.49 -32.19 18.93
CA PHE B 390 40.16 -31.97 20.20
C PHE B 390 40.34 -33.33 20.86
N VAL B 391 41.30 -33.42 21.79
CA VAL B 391 41.50 -34.65 22.55
C VAL B 391 40.87 -34.51 23.94
N THR B 392 40.08 -35.53 24.32
CA THR B 392 39.46 -35.60 25.65
C THR B 392 39.51 -37.06 26.10
N LEU B 393 40.06 -37.30 27.29
CA LEU B 393 40.12 -38.66 27.84
C LEU B 393 38.84 -38.98 28.62
N ASP B 394 38.55 -40.29 28.72
CA ASP B 394 37.44 -40.79 29.54
C ASP B 394 36.11 -40.10 29.26
N MET B 395 35.78 -39.89 27.98
CA MET B 395 34.56 -39.14 27.67
C MET B 395 33.30 -39.86 28.15
N GLU B 396 33.29 -41.19 28.12
CA GLU B 396 32.10 -41.92 28.54
C GLU B 396 31.77 -41.66 29.99
N ASP B 397 32.78 -41.44 30.82
CA ASP B 397 32.58 -41.14 32.24
C ASP B 397 31.89 -39.82 32.47
N CYS B 398 31.81 -38.96 31.45
CA CYS B 398 31.13 -37.68 31.63
C CYS B 398 29.63 -37.87 31.68
N GLY B 399 29.12 -39.02 31.21
CA GLY B 399 27.69 -39.29 31.27
C GLY B 399 27.26 -39.67 32.69
N TYR B 400 26.13 -39.11 33.10
CA TYR B 400 25.57 -39.38 34.43
C TYR B 400 24.71 -40.63 34.41
N ASN B 401 24.78 -41.40 35.50
CA ASN B 401 24.00 -42.63 35.65
C ASN B 401 23.08 -42.57 36.87
N SER C 14 -27.60 35.58 16.06
CA SER C 14 -28.50 34.43 15.98
C SER C 14 -28.68 33.93 14.55
N PHE C 15 -27.69 33.20 14.06
CA PHE C 15 -27.81 32.69 12.70
C PHE C 15 -28.81 31.54 12.58
N VAL C 16 -29.17 30.89 13.70
CA VAL C 16 -30.13 29.79 13.62
C VAL C 16 -31.44 30.26 13.00
N GLU C 17 -31.84 31.51 13.24
CA GLU C 17 -33.05 32.08 12.65
C GLU C 17 -32.99 32.24 11.13
N MET C 18 -31.80 32.16 10.54
CA MET C 18 -31.69 32.27 9.09
C MET C 18 -31.44 30.94 8.40
N VAL C 19 -31.17 29.87 9.16
CA VAL C 19 -31.04 28.55 8.55
C VAL C 19 -32.33 28.17 7.86
N ASP C 20 -32.21 27.57 6.66
CA ASP C 20 -33.35 27.05 5.91
C ASP C 20 -34.30 28.15 5.44
N ASN C 21 -33.78 29.36 5.21
CA ASN C 21 -34.63 30.46 4.76
C ASN C 21 -34.75 30.55 3.24
N LEU C 22 -34.23 29.58 2.50
CA LEU C 22 -34.33 29.58 1.04
C LEU C 22 -35.23 28.44 0.57
N ARG C 23 -35.98 28.71 -0.50
CA ARG C 23 -36.79 27.69 -1.16
C ARG C 23 -36.63 27.87 -2.67
N GLY C 24 -37.03 26.85 -3.41
CA GLY C 24 -37.01 26.96 -4.86
C GLY C 24 -37.49 25.68 -5.51
N LYS C 25 -37.46 25.70 -6.84
CA LYS C 25 -37.71 24.52 -7.65
C LYS C 25 -36.49 24.27 -8.52
N SER C 26 -36.19 23.00 -8.78
CA SER C 26 -35.05 22.62 -9.59
C SER C 26 -35.02 23.40 -10.90
N GLY C 27 -33.87 24.00 -11.20
CA GLY C 27 -33.73 24.77 -12.41
C GLY C 27 -34.43 26.11 -12.42
N GLN C 28 -35.02 26.53 -11.29
CA GLN C 28 -35.73 27.79 -11.24
C GLN C 28 -35.19 28.73 -10.15
N GLY C 29 -34.00 28.48 -9.63
CA GLY C 29 -33.37 29.37 -8.68
C GLY C 29 -33.87 29.20 -7.25
N TYR C 30 -33.21 29.93 -6.35
CA TYR C 30 -33.50 29.91 -4.92
C TYR C 30 -33.94 31.30 -4.51
N TYR C 31 -35.01 31.37 -3.72
CA TYR C 31 -35.54 32.66 -3.32
C TYR C 31 -35.68 32.75 -1.80
N VAL C 32 -35.67 33.97 -1.32
CA VAL C 32 -35.80 34.31 0.09
C VAL C 32 -37.00 35.24 0.22
N GLU C 33 -37.67 35.16 1.36
CA GLU C 33 -38.82 36.03 1.58
C GLU C 33 -38.36 37.42 1.99
N MET C 34 -38.99 38.44 1.42
CA MET C 34 -38.70 39.81 1.78
C MET C 34 -40.01 40.57 1.93
N THR C 35 -39.93 41.76 2.51
CA THR C 35 -41.05 42.69 2.52
C THR C 35 -40.56 44.03 1.99
N VAL C 36 -41.43 44.71 1.26
CA VAL C 36 -41.12 46.03 0.72
C VAL C 36 -42.29 46.96 1.05
N GLY C 37 -41.98 48.21 1.44
CA GLY C 37 -42.97 49.24 1.65
C GLY C 37 -43.59 49.26 3.03
N SER C 38 -44.42 50.28 3.25
CA SER C 38 -45.12 50.49 4.52
C SER C 38 -46.60 50.74 4.22
N PRO C 39 -47.52 49.85 4.65
CA PRO C 39 -47.32 48.57 5.36
C PRO C 39 -46.59 47.53 4.50
N PRO C 40 -45.91 46.57 5.15
CA PRO C 40 -45.03 45.64 4.42
C PRO C 40 -45.78 44.84 3.38
N GLN C 41 -45.19 44.75 2.19
CA GLN C 41 -45.69 43.88 1.11
C GLN C 41 -44.76 42.68 0.99
N THR C 42 -45.28 41.48 1.18
CA THR C 42 -44.47 40.28 1.19
C THR C 42 -44.21 39.78 -0.22
N LEU C 43 -42.95 39.50 -0.54
CA LEU C 43 -42.58 38.98 -1.85
C LEU C 43 -41.45 37.98 -1.71
N ASN C 44 -41.45 36.98 -2.58
CA ASN C 44 -40.35 36.03 -2.68
C ASN C 44 -39.36 36.52 -3.70
N ILE C 45 -38.09 36.59 -3.32
CA ILE C 45 -37.07 37.27 -4.10
C ILE C 45 -35.96 36.30 -4.42
N LEU C 46 -35.66 36.13 -5.70
CA LEU C 46 -34.58 35.27 -6.15
C LEU C 46 -33.23 35.82 -5.69
N VAL C 47 -32.39 34.95 -5.14
CA VAL C 47 -31.08 35.33 -4.63
C VAL C 47 -30.06 35.14 -5.75
N ASP C 48 -29.47 36.25 -6.26
CA ASP C 48 -28.59 36.20 -7.43
C ASP C 48 -27.23 36.85 -7.16
N THR C 49 -26.20 36.01 -6.93
CA THR C 49 -24.85 36.56 -6.79
C THR C 49 -24.23 36.95 -8.12
N GLY C 50 -24.92 36.75 -9.24
CA GLY C 50 -24.42 37.14 -10.54
C GLY C 50 -24.91 38.47 -11.09
N SER C 51 -25.60 39.27 -10.28
CA SER C 51 -26.05 40.61 -10.71
C SER C 51 -26.13 41.51 -9.49
N SER C 52 -26.49 42.77 -9.72
CA SER C 52 -26.41 43.75 -8.64
C SER C 52 -27.62 44.66 -8.56
N ASN C 53 -28.70 44.34 -9.27
CA ASN C 53 -29.93 45.12 -9.17
C ASN C 53 -30.94 44.40 -8.32
N PHE C 54 -31.56 45.13 -7.39
CA PHE C 54 -32.72 44.67 -6.65
C PHE C 54 -33.95 45.12 -7.43
N ALA C 55 -34.75 44.17 -7.90
CA ALA C 55 -35.86 44.47 -8.78
C ALA C 55 -37.02 43.56 -8.44
N VAL C 56 -38.25 44.09 -8.52
CA VAL C 56 -39.45 43.31 -8.20
C VAL C 56 -40.53 43.60 -9.22
N GLY C 57 -41.32 42.57 -9.53
CA GLY C 57 -42.49 42.76 -10.38
C GLY C 57 -43.36 43.85 -9.78
N ALA C 58 -43.74 44.85 -10.58
CA ALA C 58 -44.54 45.95 -10.07
C ALA C 58 -45.71 46.26 -11.00
N ALA C 59 -46.08 45.31 -11.86
CA ALA C 59 -47.21 45.43 -12.78
C ALA C 59 -47.68 44.01 -13.07
N PRO C 60 -48.95 43.82 -13.42
CA PRO C 60 -49.47 42.47 -13.68
C PRO C 60 -48.67 41.72 -14.73
N HIS C 61 -48.63 40.40 -14.58
CA HIS C 61 -47.91 39.53 -15.51
C HIS C 61 -48.53 38.16 -15.39
N PRO C 62 -48.70 37.42 -16.48
CA PRO C 62 -49.32 36.09 -16.40
C PRO C 62 -48.70 35.16 -15.38
N PHE C 63 -47.38 35.27 -15.14
CA PHE C 63 -46.70 34.35 -14.25
C PHE C 63 -46.52 34.89 -12.82
N LEU C 64 -47.01 36.09 -12.52
CA LEU C 64 -46.81 36.69 -11.20
C LEU C 64 -48.02 36.42 -10.31
N HIS C 65 -47.78 35.78 -9.16
CA HIS C 65 -48.84 35.57 -8.17
C HIS C 65 -49.24 36.88 -7.51
N ARG C 66 -48.29 37.80 -7.40
CA ARG C 66 -48.47 39.07 -6.71
C ARG C 66 -47.36 39.98 -7.19
N TYR C 67 -47.46 41.26 -6.82
CA TYR C 67 -46.46 42.21 -7.27
C TYR C 67 -46.46 43.42 -6.35
N TYR C 68 -45.42 44.22 -6.50
CA TYR C 68 -45.21 45.40 -5.67
C TYR C 68 -46.15 46.51 -6.10
N GLN C 69 -46.93 47.02 -5.16
CA GLN C 69 -47.90 48.08 -5.46
C GLN C 69 -47.38 49.37 -4.81
N ARG C 70 -46.66 50.16 -5.61
CA ARG C 70 -46.01 51.37 -5.11
C ARG C 70 -47.02 52.36 -4.52
N GLN C 71 -48.23 52.41 -5.07
CA GLN C 71 -49.23 53.36 -4.59
C GLN C 71 -49.66 53.05 -3.16
N LEU C 72 -49.53 51.80 -2.72
CA LEU C 72 -49.95 51.40 -1.38
C LEU C 72 -48.87 51.56 -0.32
N SER C 73 -47.70 52.06 -0.67
CA SER C 73 -46.61 52.22 0.28
C SER C 73 -46.41 53.69 0.59
N SER C 74 -46.56 54.05 1.85
CA SER C 74 -46.40 55.44 2.26
C SER C 74 -44.93 55.87 2.24
N THR C 75 -44.00 54.92 2.22
CA THR C 75 -42.58 55.25 2.23
C THR C 75 -41.94 55.17 0.84
N TYR C 76 -42.71 54.85 -0.20
CA TYR C 76 -42.16 54.79 -1.54
C TYR C 76 -41.69 56.17 -1.98
N ARG C 77 -40.53 56.21 -2.64
CA ARG C 77 -40.01 57.46 -3.20
C ARG C 77 -39.63 57.18 -4.64
N ASP C 78 -40.20 57.94 -5.57
CA ASP C 78 -39.93 57.79 -6.98
C ASP C 78 -38.60 58.46 -7.33
N LEU C 79 -37.73 57.76 -8.05
CA LEU C 79 -36.48 58.34 -8.51
C LEU C 79 -36.58 58.95 -9.91
N ARG C 80 -37.69 58.76 -10.61
CA ARG C 80 -37.93 59.34 -11.93
C ARG C 80 -36.80 59.01 -12.90
N LYS C 81 -36.39 57.75 -12.92
CA LYS C 81 -35.32 57.28 -13.79
C LYS C 81 -35.67 55.88 -14.25
N GLY C 82 -35.50 55.62 -15.55
CA GLY C 82 -35.74 54.29 -16.07
C GLY C 82 -34.52 53.38 -15.91
N VAL C 83 -34.74 52.09 -16.15
CA VAL C 83 -33.65 51.13 -16.08
C VAL C 83 -34.07 49.89 -16.83
N TYR C 84 -33.10 49.22 -17.45
CA TYR C 84 -33.37 47.90 -18.00
C TYR C 84 -32.15 47.04 -17.76
N VAL C 85 -32.38 45.76 -17.56
CA VAL C 85 -31.30 44.83 -17.31
C VAL C 85 -31.43 43.63 -18.24
N PRO C 86 -30.50 43.46 -19.15
CA PRO C 86 -30.48 42.24 -19.97
C PRO C 86 -29.51 41.22 -19.39
N TYR C 87 -30.01 40.04 -19.01
CA TYR C 87 -29.15 38.96 -18.52
C TYR C 87 -28.67 38.11 -19.68
N THR C 88 -27.98 37.00 -19.38
CA THR C 88 -27.60 36.09 -20.45
C THR C 88 -28.84 35.56 -21.17
N GLN C 89 -29.89 35.25 -20.41
CA GLN C 89 -31.20 34.93 -20.95
C GLN C 89 -32.23 35.66 -20.10
N GLY C 90 -33.12 36.42 -20.74
CA GLY C 90 -34.15 37.15 -20.04
C GLY C 90 -33.76 38.61 -19.84
N LYS C 91 -34.77 39.46 -19.69
CA LYS C 91 -34.52 40.87 -19.46
C LYS C 91 -35.80 41.49 -18.91
N TRP C 92 -35.62 42.64 -18.26
CA TRP C 92 -36.79 43.38 -17.80
C TRP C 92 -36.44 44.85 -17.86
N GLU C 93 -37.47 45.69 -17.80
CA GLU C 93 -37.25 47.12 -17.72
C GLU C 93 -38.21 47.66 -16.68
N GLY C 94 -37.87 48.81 -16.12
CA GLY C 94 -38.74 49.36 -15.11
C GLY C 94 -38.35 50.76 -14.68
N GLU C 95 -38.87 51.13 -13.51
CA GLU C 95 -38.75 52.48 -12.96
C GLU C 95 -38.06 52.40 -11.60
N LEU C 96 -37.04 53.24 -11.42
CA LEU C 96 -36.27 53.23 -10.19
C LEU C 96 -36.99 54.00 -9.08
N GLY C 97 -36.74 53.57 -7.85
CA GLY C 97 -37.27 54.24 -6.68
C GLY C 97 -36.63 53.64 -5.44
N THR C 98 -37.01 54.18 -4.28
CA THR C 98 -36.52 53.64 -3.02
C THR C 98 -37.72 53.35 -2.12
N ASP C 99 -37.51 52.43 -1.17
CA ASP C 99 -38.53 52.07 -0.21
C ASP C 99 -37.86 51.33 0.94
N LEU C 100 -38.63 51.08 1.99
CA LEU C 100 -38.13 50.33 3.14
C LEU C 100 -38.25 48.83 2.85
N VAL C 101 -37.20 48.09 3.22
CA VAL C 101 -37.07 46.67 2.89
C VAL C 101 -36.68 45.91 4.15
N SER C 102 -37.26 44.73 4.34
CA SER C 102 -36.92 43.85 5.46
C SER C 102 -36.83 42.41 4.98
N ILE C 103 -36.14 41.59 5.76
CA ILE C 103 -36.00 40.17 5.51
C ILE C 103 -36.51 39.41 6.73
N PRO C 104 -37.74 38.87 6.67
CA PRO C 104 -38.32 38.20 7.85
C PRO C 104 -37.44 37.13 8.48
N HIS C 105 -36.86 36.24 7.68
CA HIS C 105 -35.93 35.25 8.22
C HIS C 105 -34.48 35.65 7.94
N GLY C 106 -34.14 36.85 8.36
CA GLY C 106 -32.82 37.41 8.20
C GLY C 106 -32.55 38.33 9.37
N PRO C 107 -31.55 39.19 9.25
CA PRO C 107 -31.27 40.12 10.35
C PRO C 107 -32.49 40.98 10.64
N ASN C 108 -32.67 41.31 11.92
CA ASN C 108 -33.86 42.04 12.36
C ASN C 108 -33.63 43.55 12.20
N VAL C 109 -33.56 43.98 10.94
CA VAL C 109 -33.34 45.38 10.60
C VAL C 109 -34.23 45.77 9.43
N THR C 110 -34.31 47.07 9.18
CA THR C 110 -35.05 47.64 8.07
C THR C 110 -34.13 48.63 7.38
N VAL C 111 -34.08 48.58 6.05
CA VAL C 111 -33.21 49.49 5.32
C VAL C 111 -33.98 50.13 4.16
N ARG C 112 -33.59 51.37 3.84
CA ARG C 112 -34.08 52.01 2.62
C ARG C 112 -33.14 51.60 1.50
N ALA C 113 -33.68 50.99 0.46
CA ALA C 113 -32.87 50.44 -0.60
C ALA C 113 -33.41 50.90 -1.95
N ASN C 114 -32.54 50.91 -2.95
CA ASN C 114 -32.96 51.14 -4.31
C ASN C 114 -33.79 49.94 -4.76
N ILE C 115 -34.85 50.21 -5.50
CA ILE C 115 -35.72 49.16 -6.01
C ILE C 115 -36.10 49.52 -7.44
N ALA C 116 -35.87 48.59 -8.35
CA ALA C 116 -36.34 48.75 -9.72
C ALA C 116 -37.72 48.11 -9.79
N ALA C 117 -38.74 48.93 -10.08
CA ALA C 117 -40.11 48.44 -10.22
C ALA C 117 -40.28 47.91 -11.64
N ILE C 118 -40.34 46.58 -11.78
CA ILE C 118 -40.40 45.99 -13.11
C ILE C 118 -41.78 46.20 -13.71
N THR C 119 -41.83 46.88 -14.85
CA THR C 119 -43.10 47.12 -15.53
C THR C 119 -43.28 46.28 -16.79
N GLU C 120 -42.18 45.82 -17.40
CA GLU C 120 -42.20 44.96 -18.57
C GLU C 120 -41.04 43.98 -18.45
N SER C 121 -41.26 42.77 -18.96
CA SER C 121 -40.22 41.76 -18.89
C SER C 121 -40.38 40.82 -20.05
N ASP C 122 -39.30 40.09 -20.36
CA ASP C 122 -39.27 39.16 -21.50
C ASP C 122 -38.44 37.95 -21.09
N LYS C 123 -39.08 36.78 -21.03
CA LYS C 123 -38.41 35.52 -20.69
C LYS C 123 -37.65 35.64 -19.36
N PHE C 124 -38.19 36.41 -18.41
CA PHE C 124 -37.57 36.55 -17.11
C PHE C 124 -38.33 35.79 -16.02
N PHE C 125 -39.59 36.15 -15.77
CA PHE C 125 -40.40 35.39 -14.83
C PHE C 125 -40.72 34.01 -15.39
N ILE C 126 -40.86 33.03 -14.49
CA ILE C 126 -41.04 31.63 -14.85
C ILE C 126 -42.43 31.18 -14.42
N ASN C 127 -43.13 30.49 -15.31
CA ASN C 127 -44.47 30.01 -15.00
C ASN C 127 -44.45 29.11 -13.76
N GLY C 128 -45.16 29.56 -12.72
CA GLY C 128 -45.31 28.83 -11.46
C GLY C 128 -44.05 28.64 -10.64
N SER C 129 -43.20 29.67 -10.56
CA SER C 129 -41.92 29.52 -9.87
C SER C 129 -42.02 29.85 -8.39
N ASN C 130 -42.94 30.73 -8.03
CA ASN C 130 -43.22 31.25 -6.69
C ASN C 130 -42.31 32.41 -6.28
N TRP C 131 -41.50 32.97 -7.19
CA TRP C 131 -40.77 34.20 -6.87
C TRP C 131 -41.20 35.34 -7.78
N GLU C 132 -41.10 36.57 -7.27
CA GLU C 132 -41.59 37.75 -7.95
C GLU C 132 -40.54 38.84 -8.16
N GLY C 133 -39.31 38.61 -7.73
CA GLY C 133 -38.29 39.63 -7.90
C GLY C 133 -36.93 39.00 -7.79
N ILE C 134 -35.91 39.85 -7.85
CA ILE C 134 -34.54 39.38 -7.85
C ILE C 134 -33.70 40.29 -6.96
N LEU C 135 -32.82 39.68 -6.18
CA LEU C 135 -31.91 40.39 -5.28
C LEU C 135 -30.49 40.18 -5.81
N GLY C 136 -29.98 41.18 -6.52
CA GLY C 136 -28.61 41.12 -6.99
C GLY C 136 -27.62 41.44 -5.90
N LEU C 137 -26.78 40.46 -5.55
CA LEU C 137 -25.87 40.56 -4.43
C LEU C 137 -24.44 40.91 -4.82
N ALA C 138 -24.15 41.13 -6.11
CA ALA C 138 -22.81 41.48 -6.55
C ALA C 138 -22.63 42.99 -6.39
N TYR C 139 -21.54 43.52 -6.93
CA TYR C 139 -21.10 44.88 -6.61
C TYR C 139 -21.67 45.94 -7.56
N ALA C 140 -21.54 47.20 -7.11
CA ALA C 140 -22.09 48.35 -7.84
C ALA C 140 -21.57 48.45 -9.27
N GLU C 141 -20.35 47.97 -9.52
CA GLU C 141 -19.74 48.15 -10.84
C GLU C 141 -20.59 47.58 -11.98
N ILE C 142 -21.36 46.53 -11.74
CA ILE C 142 -22.20 45.98 -12.80
C ILE C 142 -23.69 46.31 -12.59
N ALA C 143 -24.01 47.24 -11.69
CA ALA C 143 -25.40 47.64 -11.53
C ALA C 143 -25.85 48.49 -12.72
N ARG C 144 -27.13 48.38 -13.08
CA ARG C 144 -27.73 49.24 -14.08
C ARG C 144 -28.62 50.29 -13.42
N PRO C 145 -28.75 51.50 -14.00
CA PRO C 145 -28.14 51.95 -15.25
C PRO C 145 -26.65 52.25 -15.16
N ASP C 146 -26.11 52.45 -13.96
CA ASP C 146 -24.69 52.71 -13.80
C ASP C 146 -24.29 52.40 -12.37
N ASP C 147 -22.99 52.52 -12.09
CA ASP C 147 -22.48 52.11 -10.78
C ASP C 147 -22.81 53.08 -9.65
N SER C 148 -23.56 54.15 -9.91
CA SER C 148 -24.00 54.96 -8.79
C SER C 148 -25.26 54.42 -8.13
N LEU C 149 -25.91 53.42 -8.71
CA LEU C 149 -27.08 52.83 -8.05
C LEU C 149 -26.60 51.81 -7.03
N GLU C 150 -26.60 52.22 -5.77
CA GLU C 150 -26.11 51.39 -4.67
C GLU C 150 -26.88 50.07 -4.59
N PRO C 151 -26.21 48.91 -4.66
CA PRO C 151 -26.92 47.64 -4.54
C PRO C 151 -27.42 47.43 -3.12
N PHE C 152 -28.39 46.51 -2.99
CA PHE C 152 -29.03 46.26 -1.69
C PHE C 152 -28.03 45.95 -0.58
N PHE C 153 -27.11 45.01 -0.81
CA PHE C 153 -26.26 44.60 0.31
C PHE C 153 -25.39 45.75 0.80
N ASP C 154 -24.92 46.60 -0.11
CA ASP C 154 -24.19 47.78 0.33
C ASP C 154 -25.06 48.68 1.21
N SER C 155 -26.34 48.85 0.85
CA SER C 155 -27.23 49.67 1.68
C SER C 155 -27.40 49.03 3.05
N LEU C 156 -27.59 47.72 3.08
CA LEU C 156 -27.77 47.00 4.34
C LEU C 156 -26.57 47.22 5.26
N VAL C 157 -25.36 47.06 4.73
CA VAL C 157 -24.15 47.21 5.54
C VAL C 157 -23.98 48.65 6.00
N LYS C 158 -24.26 49.62 5.13
CA LYS C 158 -24.04 51.02 5.50
C LYS C 158 -25.03 51.50 6.56
N GLN C 159 -26.28 51.04 6.48
CA GLN C 159 -27.33 51.55 7.37
C GLN C 159 -27.46 50.77 8.67
N THR C 160 -26.84 49.60 8.79
CA THR C 160 -27.01 48.80 10.01
C THR C 160 -25.65 48.33 10.52
N HIS C 161 -25.66 47.46 11.54
CA HIS C 161 -24.44 46.89 12.07
C HIS C 161 -24.13 45.52 11.47
N VAL C 162 -24.88 45.09 10.46
CA VAL C 162 -24.68 43.78 9.83
C VAL C 162 -23.27 43.68 9.25
N PRO C 163 -22.48 42.67 9.64
CA PRO C 163 -21.14 42.51 9.07
C PRO C 163 -21.19 42.33 7.55
N ASN C 164 -20.12 42.75 6.89
CA ASN C 164 -20.04 42.79 5.42
C ASN C 164 -19.66 41.42 4.87
N LEU C 165 -20.58 40.48 5.01
CA LEU C 165 -20.42 39.17 4.40
C LEU C 165 -21.75 38.42 4.51
N PHE C 166 -21.91 37.43 3.64
CA PHE C 166 -23.05 36.53 3.66
C PHE C 166 -22.55 35.18 3.17
N SER C 167 -23.33 34.15 3.45
CA SER C 167 -22.97 32.81 3.02
C SER C 167 -24.21 32.12 2.47
N LEU C 168 -24.00 31.21 1.52
CA LEU C 168 -25.07 30.51 0.83
C LEU C 168 -24.84 29.01 0.92
N GLN C 169 -25.86 28.30 1.41
CA GLN C 169 -25.89 26.84 1.38
C GLN C 169 -27.09 26.47 0.49
N LEU C 170 -26.82 26.14 -0.76
CA LEU C 170 -27.86 25.75 -1.71
C LEU C 170 -27.91 24.22 -1.73
N CYS C 171 -29.07 23.65 -1.46
CA CYS C 171 -29.20 22.20 -1.41
C CYS C 171 -29.96 21.68 -2.62
N GLY C 172 -29.58 20.50 -3.10
CA GLY C 172 -30.29 19.89 -4.21
C GLY C 172 -31.54 19.18 -3.73
N ALA C 173 -32.09 18.35 -4.61
CA ALA C 173 -33.27 17.57 -4.26
C ALA C 173 -32.92 16.47 -3.28
N GLY C 174 -33.95 15.98 -2.58
CA GLY C 174 -33.85 14.83 -1.72
C GLY C 174 -33.84 15.14 -0.23
N PHE C 175 -33.62 16.40 0.14
CA PHE C 175 -33.52 16.70 1.55
C PHE C 175 -34.84 17.23 2.09
N PRO C 176 -35.14 17.01 3.38
CA PRO C 176 -36.38 17.51 3.99
C PRO C 176 -36.42 19.03 4.12
N ALA C 184 -42.34 23.93 -3.27
CA ALA C 184 -40.89 23.87 -3.49
C ALA C 184 -40.33 22.44 -3.37
N SER C 185 -39.31 22.16 -4.18
CA SER C 185 -38.60 20.90 -4.14
C SER C 185 -37.19 21.03 -3.59
N VAL C 186 -36.61 22.24 -3.53
CA VAL C 186 -35.28 22.42 -2.99
C VAL C 186 -35.30 23.54 -1.94
N GLY C 187 -34.28 23.53 -1.08
CA GLY C 187 -34.17 24.54 -0.04
C GLY C 187 -32.72 24.90 0.18
N GLY C 188 -32.49 25.75 1.18
CA GLY C 188 -31.14 26.15 1.52
C GLY C 188 -31.15 27.29 2.53
N SER C 189 -29.96 27.87 2.73
CA SER C 189 -29.80 28.94 3.71
C SER C 189 -28.98 30.08 3.13
N MET C 190 -29.42 31.30 3.43
CA MET C 190 -28.62 32.49 3.20
C MET C 190 -28.38 33.11 4.58
N ILE C 191 -27.17 32.94 5.10
CA ILE C 191 -26.79 33.51 6.39
C ILE C 191 -26.27 34.91 6.09
N ILE C 192 -27.01 35.92 6.50
CA ILE C 192 -26.66 37.31 6.23
C ILE C 192 -25.85 37.85 7.39
N GLY C 193 -24.62 38.26 7.13
CA GLY C 193 -23.78 38.81 8.16
C GLY C 193 -22.86 37.82 8.85
N GLY C 194 -22.73 36.60 8.33
CA GLY C 194 -21.84 35.68 9.01
C GLY C 194 -21.87 34.28 8.42
N ILE C 195 -21.33 33.36 9.22
CA ILE C 195 -21.09 31.97 8.88
C ILE C 195 -21.75 31.09 9.95
N ASP C 196 -22.54 30.10 9.52
CA ASP C 196 -23.18 29.15 10.44
C ASP C 196 -22.45 27.81 10.35
N HIS C 197 -21.81 27.42 11.45
CA HIS C 197 -20.94 26.23 11.46
C HIS C 197 -21.70 24.92 11.32
N SER C 198 -23.00 24.89 11.59
CA SER C 198 -23.74 23.65 11.41
C SER C 198 -24.03 23.35 9.95
N LEU C 199 -23.78 24.29 9.04
CA LEU C 199 -24.12 24.12 7.64
C LEU C 199 -23.00 23.50 6.81
N TYR C 200 -21.85 23.19 7.43
CA TYR C 200 -20.76 22.60 6.68
C TYR C 200 -19.93 21.69 7.57
N THR C 201 -19.12 20.85 6.92
CA THR C 201 -18.17 19.98 7.60
C THR C 201 -16.77 20.25 7.06
N GLY C 202 -15.77 19.90 7.87
CA GLY C 202 -14.39 20.09 7.46
C GLY C 202 -14.00 21.57 7.45
N SER C 203 -12.95 21.87 6.70
CA SER C 203 -12.41 23.23 6.67
C SER C 203 -12.95 24.06 5.50
N LEU C 204 -13.02 25.37 5.74
CA LEU C 204 -13.29 26.37 4.73
C LEU C 204 -11.99 26.73 4.03
N TRP C 205 -12.01 26.73 2.70
CA TRP C 205 -10.85 27.11 1.89
C TRP C 205 -11.21 28.39 1.14
N TYR C 206 -10.32 29.38 1.14
CA TYR C 206 -10.62 30.69 0.56
C TYR C 206 -9.82 30.96 -0.71
N THR C 207 -10.48 31.58 -1.69
CA THR C 207 -9.91 32.06 -2.93
C THR C 207 -10.17 33.56 -3.05
N PRO C 208 -9.21 34.34 -3.54
CA PRO C 208 -9.40 35.80 -3.59
C PRO C 208 -10.50 36.19 -4.55
N ILE C 209 -11.22 37.25 -4.18
CA ILE C 209 -12.07 37.92 -5.17
C ILE C 209 -11.15 38.80 -6.02
N ARG C 210 -11.05 38.51 -7.31
CA ARG C 210 -10.07 39.22 -8.11
C ARG C 210 -10.40 40.70 -8.24
N ARG C 211 -11.66 41.01 -8.49
CA ARG C 211 -12.14 42.37 -8.66
C ARG C 211 -13.60 42.38 -8.24
N GLU C 212 -14.00 43.47 -7.57
CA GLU C 212 -15.34 43.60 -7.03
C GLU C 212 -16.26 44.14 -8.13
N TRP C 213 -16.77 43.22 -8.95
CA TRP C 213 -17.81 43.59 -9.90
C TRP C 213 -18.78 42.42 -9.92
N TYR C 214 -18.48 41.39 -10.70
CA TYR C 214 -18.99 40.08 -10.33
C TYR C 214 -18.20 39.58 -9.12
N TYR C 215 -18.62 38.43 -8.58
CA TYR C 215 -17.74 37.71 -7.65
C TYR C 215 -16.79 36.91 -8.53
N GLU C 216 -15.75 37.58 -8.99
CA GLU C 216 -14.80 37.00 -9.94
C GLU C 216 -13.71 36.24 -9.20
N VAL C 217 -13.44 35.01 -9.64
CA VAL C 217 -12.40 34.20 -9.07
C VAL C 217 -11.49 33.71 -10.20
N ILE C 218 -10.40 33.03 -9.82
CA ILE C 218 -9.42 32.53 -10.76
C ILE C 218 -9.35 31.00 -10.63
N ILE C 219 -9.66 30.30 -11.73
CA ILE C 219 -9.49 28.85 -11.82
C ILE C 219 -8.08 28.56 -12.34
N VAL C 220 -7.32 27.72 -11.63
CA VAL C 220 -5.91 27.50 -11.96
C VAL C 220 -5.63 26.12 -12.53
N ARG C 221 -6.60 25.21 -12.51
CA ARG C 221 -6.41 23.86 -13.01
C ARG C 221 -7.77 23.21 -13.09
N VAL C 222 -7.95 22.34 -14.09
CA VAL C 222 -9.16 21.55 -14.23
C VAL C 222 -8.75 20.11 -14.49
N GLU C 223 -9.36 19.17 -13.77
CA GLU C 223 -9.12 17.76 -13.98
C GLU C 223 -10.46 17.06 -14.14
N ILE C 224 -10.50 16.04 -14.98
CA ILE C 224 -11.67 15.21 -15.15
C ILE C 224 -11.22 13.80 -14.84
N ASN C 225 -11.82 13.19 -13.81
CA ASN C 225 -11.37 11.88 -13.30
C ASN C 225 -9.87 11.85 -13.02
N GLY C 226 -9.35 12.94 -12.46
CA GLY C 226 -7.93 13.01 -12.13
C GLY C 226 -6.99 13.28 -13.28
N GLN C 227 -7.50 13.54 -14.47
CA GLN C 227 -6.70 13.81 -15.65
C GLN C 227 -6.74 15.31 -15.91
N ASP C 228 -5.57 15.95 -15.91
CA ASP C 228 -5.48 17.37 -16.20
C ASP C 228 -5.93 17.65 -17.64
N LEU C 229 -6.80 18.66 -17.81
CA LEU C 229 -7.22 19.04 -19.16
C LEU C 229 -6.07 19.65 -19.96
N LYS C 230 -5.00 20.07 -19.28
CA LYS C 230 -3.77 20.53 -19.92
C LYS C 230 -4.02 21.64 -20.93
N MET C 231 -4.72 22.67 -20.48
CA MET C 231 -4.96 23.85 -21.28
C MET C 231 -4.25 25.01 -20.60
N ASP C 232 -3.91 26.03 -21.39
CA ASP C 232 -3.44 27.29 -20.81
C ASP C 232 -4.49 27.78 -19.82
N CYS C 233 -4.09 27.96 -18.56
CA CYS C 233 -5.09 28.25 -17.53
C CYS C 233 -5.81 29.56 -17.78
N LYS C 234 -5.27 30.44 -18.65
CA LYS C 234 -6.03 31.62 -19.04
C LYS C 234 -7.32 31.25 -19.77
N GLU C 235 -7.33 30.12 -20.50
CA GLU C 235 -8.56 29.68 -21.18
C GLU C 235 -9.70 29.44 -20.18
N TYR C 236 -9.38 28.95 -18.99
CA TYR C 236 -10.40 28.66 -17.98
C TYR C 236 -11.09 29.94 -17.51
N ASN C 237 -10.40 31.09 -17.61
CA ASN C 237 -10.87 32.37 -17.08
C ASN C 237 -11.07 33.38 -18.20
N TYR C 238 -11.38 32.92 -19.39
CA TYR C 238 -11.55 33.77 -20.56
C TYR C 238 -13.04 33.96 -20.82
N ASP C 239 -13.56 35.17 -20.59
CA ASP C 239 -12.79 36.37 -20.18
C ASP C 239 -12.87 36.68 -18.68
N LYS C 240 -13.53 35.79 -17.93
CA LYS C 240 -13.63 35.89 -16.48
C LYS C 240 -14.21 34.56 -15.98
N SER C 241 -14.10 34.35 -14.67
CA SER C 241 -14.79 33.26 -13.98
C SER C 241 -15.52 33.85 -12.78
N ILE C 242 -16.79 33.51 -12.61
CA ILE C 242 -17.62 34.10 -11.56
C ILE C 242 -18.39 33.02 -10.81
N VAL C 243 -18.82 33.37 -9.60
CA VAL C 243 -19.67 32.51 -8.77
C VAL C 243 -21.08 33.13 -8.78
N ASP C 244 -22.05 32.39 -9.30
CA ASP C 244 -23.32 32.97 -9.73
C ASP C 244 -24.50 32.07 -9.37
N SER C 245 -25.17 32.39 -8.26
CA SER C 245 -26.34 31.61 -7.84
C SER C 245 -27.54 31.83 -8.73
N GLY C 246 -27.53 32.88 -9.56
CA GLY C 246 -28.63 33.07 -10.49
C GLY C 246 -28.51 32.30 -11.79
N THR C 247 -27.44 31.54 -11.96
CA THR C 247 -27.27 30.71 -13.14
C THR C 247 -27.37 29.24 -12.73
N THR C 248 -28.13 28.46 -13.48
CA THR C 248 -28.33 27.04 -13.17
C THR C 248 -27.06 26.23 -13.41
N ASN C 249 -26.52 26.31 -14.63
CA ASN C 249 -25.51 25.36 -15.08
C ASN C 249 -24.11 25.79 -14.70
N LEU C 250 -23.18 24.84 -14.86
CA LEU C 250 -21.79 25.19 -15.02
C LEU C 250 -21.64 25.65 -16.47
N ARG C 251 -21.20 26.88 -16.68
CA ARG C 251 -20.99 27.40 -18.02
C ARG C 251 -19.50 27.57 -18.24
N LEU C 252 -18.99 27.10 -19.39
CA LEU C 252 -17.56 27.04 -19.69
C LEU C 252 -17.26 27.73 -21.01
N PRO C 253 -16.14 28.45 -21.09
CA PRO C 253 -15.71 29.02 -22.37
C PRO C 253 -15.64 27.93 -23.44
N LYS C 254 -15.96 28.32 -24.68
CA LYS C 254 -16.04 27.41 -25.82
C LYS C 254 -14.94 26.35 -25.84
N LYS C 255 -13.69 26.80 -25.83
CA LYS C 255 -12.57 25.85 -25.92
C LYS C 255 -12.57 24.89 -24.73
N VAL C 256 -12.83 25.39 -23.54
CA VAL C 256 -12.88 24.53 -22.36
C VAL C 256 -14.10 23.60 -22.43
N PHE C 257 -15.26 24.13 -22.85
CA PHE C 257 -16.45 23.30 -23.00
C PHE C 257 -16.19 22.13 -23.94
N GLU C 258 -15.56 22.40 -25.10
CA GLU C 258 -15.30 21.34 -26.06
C GLU C 258 -14.37 20.28 -25.49
N ALA C 259 -13.29 20.70 -24.82
CA ALA C 259 -12.39 19.72 -24.20
C ALA C 259 -13.08 18.94 -23.09
N ALA C 260 -13.91 19.61 -22.27
CA ALA C 260 -14.59 18.92 -21.17
C ALA C 260 -15.63 17.93 -21.68
N VAL C 261 -16.44 18.32 -22.66
CA VAL C 261 -17.43 17.39 -23.20
C VAL C 261 -16.74 16.20 -23.87
N LYS C 262 -15.64 16.44 -24.57
CA LYS C 262 -14.91 15.35 -25.20
C LYS C 262 -14.43 14.34 -24.15
N SER C 263 -13.93 14.81 -23.01
CA SER C 263 -13.48 13.91 -21.97
C SER C 263 -14.65 13.19 -21.30
N ILE C 264 -15.77 13.90 -21.09
CA ILE C 264 -16.93 13.28 -20.44
C ILE C 264 -17.55 12.24 -21.38
N LYS C 265 -17.61 12.53 -22.69
CA LYS C 265 -18.11 11.55 -23.65
C LYS C 265 -17.27 10.28 -23.63
N ALA C 266 -15.95 10.43 -23.67
CA ALA C 266 -15.08 9.25 -23.69
C ALA C 266 -15.29 8.41 -22.43
N ALA C 267 -15.35 9.06 -21.27
CA ALA C 267 -15.51 8.32 -20.01
C ALA C 267 -16.83 7.56 -19.98
N SER C 268 -17.86 8.07 -20.65
CA SER C 268 -19.17 7.43 -20.60
C SER C 268 -19.51 6.76 -21.93
N SER C 269 -18.51 6.51 -22.78
CA SER C 269 -18.73 5.94 -24.10
C SER C 269 -19.32 4.53 -24.07
N THR C 270 -19.40 3.90 -22.89
CA THR C 270 -20.07 2.61 -22.76
C THR C 270 -21.57 2.71 -23.05
N GLU C 271 -22.10 3.92 -23.12
CA GLU C 271 -23.46 4.19 -23.55
C GLU C 271 -23.41 5.36 -24.51
N LYS C 272 -24.29 5.36 -25.50
CA LYS C 272 -24.36 6.45 -26.47
C LYS C 272 -25.57 7.31 -26.18
N PHE C 273 -25.39 8.61 -26.26
CA PHE C 273 -26.44 9.56 -25.97
C PHE C 273 -26.74 10.41 -27.20
N PRO C 274 -27.99 10.82 -27.39
CA PRO C 274 -28.32 11.70 -28.52
C PRO C 274 -27.45 12.94 -28.48
N ASP C 275 -27.04 13.39 -29.67
CA ASP C 275 -26.13 14.53 -29.74
C ASP C 275 -26.73 15.77 -29.13
N GLY C 276 -28.07 15.88 -29.12
CA GLY C 276 -28.74 16.98 -28.46
C GLY C 276 -28.65 16.93 -26.94
N PHE C 277 -28.36 15.76 -26.38
CA PHE C 277 -28.18 15.67 -24.93
C PHE C 277 -27.02 16.52 -24.46
N TRP C 278 -25.89 16.46 -25.18
CA TRP C 278 -24.70 17.22 -24.81
C TRP C 278 -24.88 18.71 -25.03
N LEU C 279 -25.93 19.12 -25.72
CA LEU C 279 -26.26 20.53 -25.92
C LEU C 279 -27.32 21.03 -24.94
N GLY C 280 -27.74 20.21 -23.99
CA GLY C 280 -28.80 20.61 -23.07
C GLY C 280 -30.19 20.61 -23.67
N GLU C 281 -30.37 20.04 -24.86
CA GLU C 281 -31.67 20.02 -25.53
C GLU C 281 -32.50 18.80 -25.14
N GLN C 282 -32.01 17.61 -25.45
CA GLN C 282 -32.70 16.37 -25.12
C GLN C 282 -32.31 15.90 -23.73
N LEU C 283 -33.25 15.27 -23.05
CA LEU C 283 -32.99 14.69 -21.74
C LEU C 283 -32.82 13.18 -21.90
N VAL C 284 -32.04 12.59 -20.99
CA VAL C 284 -31.77 11.16 -21.01
C VAL C 284 -32.43 10.52 -19.80
N CYS C 285 -32.89 9.28 -19.98
CA CYS C 285 -33.61 8.59 -18.92
C CYS C 285 -33.08 7.17 -18.74
N TRP C 286 -33.32 6.65 -17.54
CA TRP C 286 -32.97 5.30 -17.16
C TRP C 286 -34.08 4.80 -16.25
N GLN C 287 -34.24 3.49 -16.18
CA GLN C 287 -35.23 2.92 -15.29
C GLN C 287 -34.89 3.31 -13.86
N ALA C 288 -35.91 3.77 -13.12
CA ALA C 288 -35.76 4.30 -11.77
C ALA C 288 -34.79 3.49 -10.92
N GLY C 289 -33.72 4.13 -10.50
CA GLY C 289 -32.71 3.52 -9.66
C GLY C 289 -31.62 2.78 -10.38
N THR C 290 -31.52 2.91 -11.71
CA THR C 290 -30.47 2.24 -12.47
C THR C 290 -29.56 3.23 -13.19
N THR C 291 -29.60 4.51 -12.81
CA THR C 291 -28.73 5.50 -13.43
C THR C 291 -27.28 5.06 -13.26
N PRO C 292 -26.52 4.91 -14.34
CA PRO C 292 -25.12 4.45 -14.25
C PRO C 292 -24.15 5.57 -13.88
N TRP C 293 -24.31 6.07 -12.66
CA TRP C 293 -23.47 7.18 -12.17
C TRP C 293 -21.98 6.90 -12.40
N ASN C 294 -21.56 5.64 -12.25
CA ASN C 294 -20.15 5.27 -12.29
C ASN C 294 -19.48 5.58 -13.61
N ILE C 295 -20.22 5.61 -14.72
CA ILE C 295 -19.55 5.91 -15.98
C ILE C 295 -19.37 7.40 -16.22
N PHE C 296 -19.89 8.24 -15.34
CA PHE C 296 -19.73 9.68 -15.52
C PHE C 296 -18.64 10.19 -14.59
N PRO C 297 -17.70 10.97 -15.09
CA PRO C 297 -16.51 11.32 -14.29
C PRO C 297 -16.78 12.45 -13.30
N VAL C 298 -15.82 12.59 -12.33
CA VAL C 298 -15.83 13.73 -11.43
C VAL C 298 -15.02 14.84 -12.08
N ILE C 299 -15.45 16.08 -11.86
CA ILE C 299 -14.75 17.25 -12.36
C ILE C 299 -14.16 17.95 -11.16
N SER C 300 -12.85 18.18 -11.19
CA SER C 300 -12.15 18.91 -10.14
C SER C 300 -11.80 20.29 -10.67
N LEU C 301 -12.30 21.33 -10.02
CA LEU C 301 -11.96 22.71 -10.33
C LEU C 301 -11.04 23.21 -9.22
N TYR C 302 -9.84 23.59 -9.60
CA TYR C 302 -8.87 24.11 -8.66
C TYR C 302 -8.96 25.63 -8.63
N LEU C 303 -9.13 26.20 -7.43
CA LEU C 303 -9.25 27.64 -7.27
C LEU C 303 -7.97 28.19 -6.65
N MET C 304 -7.54 29.35 -7.13
CA MET C 304 -6.32 29.96 -6.62
C MET C 304 -6.44 30.26 -5.13
N GLY C 305 -5.42 29.93 -4.35
CA GLY C 305 -5.54 30.24 -2.95
C GLY C 305 -5.15 31.68 -2.69
N GLU C 306 -5.35 32.11 -1.45
CA GLU C 306 -4.91 33.47 -1.13
C GLU C 306 -3.39 33.52 -1.13
N VAL C 307 -2.77 32.37 -0.88
CA VAL C 307 -1.35 32.11 -1.11
C VAL C 307 -1.31 30.96 -2.10
N THR C 308 -0.51 31.08 -3.15
CA THR C 308 -0.63 30.07 -4.21
C THR C 308 -0.12 28.67 -3.85
N ASN C 309 0.44 28.43 -2.67
CA ASN C 309 0.63 27.04 -2.26
C ASN C 309 -0.43 26.62 -1.26
N GLN C 310 -1.52 27.37 -1.20
CA GLN C 310 -2.69 27.03 -0.41
C GLN C 310 -3.92 27.04 -1.32
N SER C 311 -3.73 26.77 -2.60
CA SER C 311 -4.85 26.60 -3.49
C SER C 311 -5.60 25.32 -3.12
N PHE C 312 -6.73 25.09 -3.76
CA PHE C 312 -7.57 23.95 -3.38
C PHE C 312 -8.43 23.56 -4.55
N ARG C 313 -9.04 22.39 -4.44
CA ARG C 313 -9.95 21.94 -5.47
C ARG C 313 -11.32 21.67 -4.86
N ILE C 314 -12.35 21.90 -5.67
CA ILE C 314 -13.69 21.43 -5.34
C ILE C 314 -14.02 20.35 -6.37
N THR C 315 -14.56 19.23 -5.91
CA THR C 315 -14.83 18.12 -6.81
C THR C 315 -16.32 18.00 -7.00
N ILE C 316 -16.73 17.91 -8.27
CA ILE C 316 -18.12 17.94 -8.70
C ILE C 316 -18.49 16.54 -9.18
N LEU C 317 -19.56 15.99 -8.61
CA LEU C 317 -20.05 14.67 -9.00
C LEU C 317 -21.07 14.79 -10.12
N PRO C 318 -21.29 13.69 -10.87
CA PRO C 318 -22.33 13.73 -11.91
C PRO C 318 -23.71 13.97 -11.35
N GLN C 319 -23.96 13.61 -10.09
CA GLN C 319 -25.25 13.96 -9.50
C GLN C 319 -25.46 15.47 -9.46
N GLN C 320 -24.41 16.26 -9.62
CA GLN C 320 -24.57 17.70 -9.72
C GLN C 320 -24.79 18.16 -11.16
N TYR C 321 -23.97 17.68 -12.10
CA TYR C 321 -24.09 18.21 -13.46
C TYR C 321 -25.02 17.39 -14.35
N LEU C 322 -25.70 16.39 -13.80
CA LEU C 322 -26.82 15.71 -14.45
C LEU C 322 -28.05 16.11 -13.64
N ARG C 323 -28.69 17.19 -14.07
CA ARG C 323 -29.78 17.80 -13.31
C ARG C 323 -31.05 16.99 -13.49
N PRO C 324 -31.76 16.67 -12.41
CA PRO C 324 -32.98 15.86 -12.53
C PRO C 324 -34.15 16.63 -13.12
N VAL C 325 -34.88 15.96 -14.03
CA VAL C 325 -36.04 16.51 -14.74
C VAL C 325 -37.15 15.46 -14.79
N GLU C 326 -38.39 15.90 -14.54
CA GLU C 326 -39.56 15.02 -14.54
C GLU C 326 -39.77 14.27 -15.87
N ASP C 327 -39.95 12.94 -15.75
CA ASP C 327 -40.26 12.02 -16.85
C ASP C 327 -41.41 12.53 -17.72
N VAL C 328 -41.09 13.02 -18.92
CA VAL C 328 -42.13 13.54 -19.83
C VAL C 328 -43.20 12.48 -20.13
N ALA C 329 -42.82 11.20 -20.12
CA ALA C 329 -43.76 10.12 -20.39
C ALA C 329 -44.50 9.69 -19.12
N THR C 330 -45.44 8.77 -19.29
CA THR C 330 -46.13 8.16 -18.15
C THR C 330 -45.32 6.94 -17.74
N SER C 331 -44.31 7.17 -16.91
CA SER C 331 -43.48 6.08 -16.41
C SER C 331 -42.73 6.58 -15.19
N GLN C 332 -42.10 5.64 -14.50
CA GLN C 332 -41.32 5.94 -13.32
C GLN C 332 -39.85 5.74 -13.65
N ASP C 333 -39.30 6.66 -14.42
CA ASP C 333 -37.90 6.62 -14.76
C ASP C 333 -37.21 7.82 -14.12
N ASP C 334 -35.89 7.76 -14.12
CA ASP C 334 -35.06 8.88 -13.71
C ASP C 334 -34.56 9.54 -14.98
N CYS C 335 -34.92 10.81 -15.17
CA CYS C 335 -34.55 11.56 -16.35
C CYS C 335 -33.68 12.75 -15.97
N TYR C 336 -32.71 13.07 -16.82
CA TYR C 336 -31.74 14.09 -16.49
C TYR C 336 -31.42 14.93 -17.72
N LYS C 337 -31.06 16.19 -17.46
CA LYS C 337 -30.48 17.08 -18.46
C LYS C 337 -29.03 17.36 -18.11
N PHE C 338 -28.20 17.41 -19.13
CA PHE C 338 -26.79 17.79 -19.01
C PHE C 338 -26.69 19.25 -18.65
N ALA C 339 -26.21 19.55 -17.44
CA ALA C 339 -26.19 20.92 -16.91
C ALA C 339 -24.82 21.57 -17.01
N ILE C 340 -24.09 21.29 -18.08
CA ILE C 340 -22.86 21.99 -18.43
C ILE C 340 -23.10 22.55 -19.82
N SER C 341 -23.00 23.87 -19.97
CA SER C 341 -23.24 24.46 -21.28
C SER C 341 -22.14 25.42 -21.66
N GLN C 342 -22.14 25.78 -22.94
CA GLN C 342 -21.09 26.61 -23.51
C GLN C 342 -21.36 28.07 -23.23
N SER C 343 -20.29 28.82 -22.96
CA SER C 343 -20.43 30.25 -22.67
C SER C 343 -19.55 31.05 -23.61
N SER C 344 -19.99 32.27 -23.89
CA SER C 344 -19.15 33.24 -24.59
C SER C 344 -18.78 34.42 -23.71
N THR C 345 -19.06 34.33 -22.40
CA THR C 345 -18.73 35.42 -21.48
C THR C 345 -17.98 34.88 -20.25
N GLY C 346 -17.24 33.80 -20.42
CA GLY C 346 -16.40 33.28 -19.35
C GLY C 346 -17.03 32.11 -18.59
N THR C 347 -16.27 31.60 -17.63
CA THR C 347 -16.79 30.51 -16.81
C THR C 347 -17.82 31.06 -15.83
N VAL C 348 -18.91 30.31 -15.65
CA VAL C 348 -19.91 30.63 -14.64
C VAL C 348 -20.09 29.39 -13.77
N MET C 349 -19.70 29.50 -12.50
CA MET C 349 -19.96 28.46 -11.51
C MET C 349 -21.37 28.71 -10.95
N GLY C 350 -22.35 28.09 -11.58
CA GLY C 350 -23.75 28.27 -11.24
C GLY C 350 -24.19 27.35 -10.11
N ALA C 351 -25.51 27.27 -9.96
CA ALA C 351 -26.11 26.56 -8.83
C ALA C 351 -25.69 25.10 -8.76
N VAL C 352 -25.59 24.41 -9.90
CA VAL C 352 -25.24 23.01 -9.80
C VAL C 352 -23.83 22.82 -9.25
N ILE C 353 -22.96 23.82 -9.40
CA ILE C 353 -21.65 23.77 -8.77
C ILE C 353 -21.78 24.10 -7.29
N MET C 354 -22.52 25.17 -6.95
CA MET C 354 -22.64 25.61 -5.56
C MET C 354 -23.37 24.61 -4.69
N GLU C 355 -24.29 23.83 -5.26
CA GLU C 355 -25.03 22.83 -4.51
C GLU C 355 -24.09 21.83 -3.86
N GLY C 356 -24.36 21.47 -2.62
CA GLY C 356 -23.44 20.59 -1.91
C GLY C 356 -22.16 21.26 -1.42
N PHE C 357 -21.97 22.55 -1.66
CA PHE C 357 -20.92 23.31 -1.00
C PHE C 357 -21.55 24.43 -0.15
N TYR C 358 -20.87 24.79 0.92
CA TYR C 358 -21.19 25.99 1.68
C TYR C 358 -20.27 27.09 1.17
N VAL C 359 -20.85 28.17 0.65
CA VAL C 359 -20.08 29.21 -0.05
C VAL C 359 -20.17 30.50 0.74
N VAL C 360 -19.03 31.01 1.19
CA VAL C 360 -18.96 32.21 2.02
C VAL C 360 -18.54 33.37 1.13
N PHE C 361 -19.38 34.38 1.02
CA PHE C 361 -19.05 35.58 0.25
C PHE C 361 -18.52 36.62 1.22
N ASP C 362 -17.21 36.50 1.52
CA ASP C 362 -16.54 37.30 2.54
C ASP C 362 -16.09 38.60 1.90
N ARG C 363 -17.05 39.51 1.71
CA ARG C 363 -16.77 40.79 1.06
C ARG C 363 -15.77 41.60 1.86
N ALA C 364 -15.88 41.57 3.19
CA ALA C 364 -14.98 42.34 4.06
C ALA C 364 -13.53 41.96 3.81
N ARG C 365 -13.24 40.70 3.54
CA ARG C 365 -11.85 40.31 3.30
C ARG C 365 -11.59 40.00 1.83
N LYS C 366 -12.54 40.34 0.94
CA LYS C 366 -12.37 40.20 -0.50
C LYS C 366 -11.99 38.76 -0.91
N ARG C 367 -12.78 37.81 -0.43
CA ARG C 367 -12.48 36.41 -0.70
C ARG C 367 -13.77 35.61 -0.66
N ILE C 368 -13.74 34.44 -1.27
CA ILE C 368 -14.85 33.51 -1.27
C ILE C 368 -14.36 32.19 -0.68
N GLY C 369 -15.08 31.69 0.33
CA GLY C 369 -14.74 30.44 0.98
C GLY C 369 -15.63 29.31 0.53
N PHE C 370 -15.05 28.11 0.42
CA PHE C 370 -15.78 26.89 0.09
C PHE C 370 -15.56 25.82 1.16
N ALA C 371 -16.64 25.13 1.53
CA ALA C 371 -16.54 23.97 2.39
C ALA C 371 -17.60 22.97 1.95
N VAL C 372 -17.37 21.70 2.30
CA VAL C 372 -18.38 20.68 2.05
C VAL C 372 -19.62 21.02 2.86
N SER C 373 -20.77 21.06 2.19
CA SER C 373 -22.04 21.40 2.81
C SER C 373 -22.58 20.23 3.62
N ALA C 374 -23.34 20.56 4.67
CA ALA C 374 -24.06 19.52 5.40
C ALA C 374 -25.07 18.80 4.52
N CYS C 375 -25.57 19.46 3.48
CA CYS C 375 -26.42 18.79 2.50
C CYS C 375 -25.61 18.43 1.26
N HIS C 376 -24.53 17.70 1.51
CA HIS C 376 -23.59 17.34 0.45
C HIS C 376 -24.19 16.28 -0.46
N VAL C 377 -23.64 16.17 -1.66
CA VAL C 377 -24.14 15.25 -2.66
C VAL C 377 -23.71 13.82 -2.33
N HIS C 378 -24.68 12.91 -2.36
CA HIS C 378 -24.48 11.52 -1.96
C HIS C 378 -24.10 10.63 -3.14
N ASP C 379 -23.24 9.66 -2.86
CA ASP C 379 -22.83 8.60 -3.77
C ASP C 379 -22.24 7.50 -2.92
N GLU C 380 -22.31 6.25 -3.40
CA GLU C 380 -21.87 5.17 -2.53
C GLU C 380 -20.35 5.00 -2.58
N PHE C 381 -19.72 5.31 -3.72
CA PHE C 381 -18.29 5.12 -3.84
C PHE C 381 -17.50 6.41 -4.02
N ARG C 382 -18.15 7.56 -4.22
CA ARG C 382 -17.42 8.80 -4.40
C ARG C 382 -18.06 9.88 -3.55
N THR C 383 -17.29 10.91 -3.23
CA THR C 383 -17.85 11.99 -2.44
C THR C 383 -17.29 13.33 -2.91
N ALA C 384 -18.19 14.30 -3.02
CA ALA C 384 -17.78 15.67 -3.27
C ALA C 384 -16.84 16.13 -2.17
N ALA C 385 -15.89 16.99 -2.53
CA ALA C 385 -14.86 17.37 -1.59
C ALA C 385 -14.38 18.79 -1.87
N VAL C 386 -13.81 19.39 -0.84
CA VAL C 386 -13.05 20.63 -0.91
C VAL C 386 -11.71 20.26 -0.27
N GLU C 387 -10.66 20.20 -1.08
CA GLU C 387 -9.41 19.60 -0.64
C GLU C 387 -8.23 20.54 -0.93
N GLY C 388 -7.29 20.60 0.02
CA GLY C 388 -6.08 21.37 -0.12
C GLY C 388 -5.09 20.92 0.93
N PRO C 389 -3.88 21.48 0.93
CA PRO C 389 -3.43 22.51 0.00
C PRO C 389 -2.88 21.97 -1.33
N PHE C 390 -2.96 22.81 -2.36
CA PHE C 390 -2.29 22.56 -3.62
C PHE C 390 -1.43 23.76 -3.96
N VAL C 391 -0.33 23.50 -4.66
CA VAL C 391 0.50 24.56 -5.20
C VAL C 391 0.17 24.68 -6.68
N THR C 392 -0.12 25.89 -7.12
CA THR C 392 -0.60 26.09 -8.47
C THR C 392 -0.01 27.36 -9.04
N LEU C 393 -0.45 27.66 -10.26
CA LEU C 393 -0.13 28.91 -10.93
C LEU C 393 -0.90 30.04 -10.25
N ASP C 394 -0.45 31.27 -10.50
CA ASP C 394 -1.01 32.46 -9.86
C ASP C 394 -1.86 33.28 -10.81
N MET C 395 -2.32 34.42 -10.30
CA MET C 395 -3.25 35.26 -11.04
C MET C 395 -2.65 35.81 -12.33
N GLU C 396 -1.35 36.12 -12.32
CA GLU C 396 -0.72 36.60 -13.54
C GLU C 396 -0.66 35.51 -14.60
N ASP C 397 -0.43 34.25 -14.20
CA ASP C 397 -0.43 33.17 -15.17
C ASP C 397 -1.83 32.82 -15.65
N CYS C 398 -2.85 33.03 -14.83
CA CYS C 398 -4.17 32.53 -15.17
C CYS C 398 -5.22 33.60 -15.38
N GLY C 399 -4.99 34.83 -14.91
CA GLY C 399 -5.99 35.86 -15.07
C GLY C 399 -5.99 36.44 -16.48
N TYR C 400 -7.19 36.61 -17.02
CA TYR C 400 -7.33 37.23 -18.34
C TYR C 400 -7.41 38.74 -18.14
N ASN C 401 -6.83 39.48 -19.08
CA ASN C 401 -6.90 40.94 -18.99
C ASN C 401 -7.63 41.53 -20.19
N1 BAV D . 7.28 -12.98 -8.86
C2 BAV D . 7.40 -12.24 -7.60
C4 BAV D . 8.83 -12.36 -7.06
N5 BAV D . 9.81 -11.88 -7.84
C7 BAV D . 11.23 -11.91 -7.47
C9 BAV D . 12.07 -12.26 -8.68
C12 BAV D . 11.61 -13.52 -9.44
C14 BAV D . 12.55 -13.81 -10.62
C17 BAV D . 12.10 -14.92 -11.57
C20 BAV D . 10.73 -14.72 -12.22
C23 BAV D . 10.62 -13.45 -13.07
C26 BAV D . 9.36 -13.41 -13.97
C29 BAV D . 8.03 -13.73 -13.24
C32 BAV D . 7.71 -12.72 -12.13
C35 BAV D . 6.51 -13.14 -11.20
C38 BAV D . 6.59 -12.40 -9.89
O39 BAV D . 6.08 -11.29 -9.78
C40 BAV D . 11.50 -14.74 -8.51
C44 BAV D . 11.68 -10.57 -6.86
O46 BAV D . 13.11 -10.56 -6.67
C48 BAV D . 11.02 -10.26 -5.52
N51 BAV D . 11.51 -8.96 -5.01
C53 BAV D . 11.21 -8.75 -3.58
C56 BAV D . 11.72 -9.83 -2.64
C57 BAV D . 13.09 -10.11 -2.56
C59 BAV D . 13.58 -11.09 -1.71
C60 BAV D . 12.69 -11.80 -0.92
C62 BAV D . 11.33 -11.52 -0.97
C64 BAV D . 10.85 -10.54 -1.84
C66 BAV D . 15.06 -11.38 -1.63
C68 BAV D . 15.86 -10.09 -1.45
C72 BAV D . 15.55 -12.13 -2.84
O76 BAV D . 9.04 -12.85 -5.95
C77 BAV D . 6.36 -12.69 -6.54
C81 BAV D . 7.89 -14.31 -8.94
N1 BAV E . 9.77 -23.59 27.32
C2 BAV E . 10.48 -24.71 27.92
C4 BAV E . 9.77 -26.04 27.63
N5 BAV E . 9.64 -26.37 26.33
C7 BAV E . 8.97 -27.60 25.90
C9 BAV E . 8.04 -27.31 24.71
C12 BAV E . 7.17 -26.06 24.83
C14 BAV E . 6.39 -25.78 23.51
C17 BAV E . 5.43 -24.58 23.50
C20 BAV E . 6.12 -23.21 23.58
C23 BAV E . 7.26 -23.00 22.58
C26 BAV E . 7.86 -21.60 22.66
C29 BAV E . 8.22 -21.16 24.07
C32 BAV E . 9.53 -21.74 24.58
C35 BAV E . 9.78 -21.48 26.08
C38 BAV E . 10.50 -22.61 26.72
O39 BAV E . 11.72 -22.66 26.69
C40 BAV E . 6.22 -26.18 26.03
C44 BAV E . 10.00 -28.71 25.54
O46 BAV E . 9.35 -29.85 24.95
C48 BAV E . 10.77 -29.18 26.78
N51 BAV E . 11.62 -30.31 26.37
C53 BAV E . 12.11 -31.11 27.50
C56 BAV E . 11.03 -31.75 28.37
C57 BAV E . 10.15 -32.69 27.85
C59 BAV E . 9.18 -33.30 28.65
C60 BAV E . 9.10 -32.94 29.99
C62 BAV E . 9.98 -32.02 30.52
C64 BAV E . 10.95 -31.42 29.72
C66 BAV E . 8.18 -34.31 28.09
C68 BAV E . 8.86 -35.42 27.31
C72 BAV E . 7.12 -33.65 27.25
O76 BAV E . 9.35 -26.74 28.55
C77 BAV E . 10.71 -24.51 29.42
C81 BAV E . 8.30 -23.59 27.41
N1 BAV F . -30.12 31.81 -16.58
C2 BAV F . -28.83 32.42 -16.86
C4 BAV F . -28.82 33.90 -16.41
N5 BAV F . -29.01 34.13 -15.10
C7 BAV F . -29.04 35.48 -14.53
C9 BAV F . -30.19 35.60 -13.53
C12 BAV F . -31.56 35.10 -14.03
C14 BAV F . -32.62 35.28 -12.94
C17 BAV F . -34.02 34.75 -13.30
C20 BAV F . -34.04 33.24 -13.59
C23 BAV F . -33.39 32.41 -12.51
C26 BAV F . -33.77 30.96 -12.58
C29 BAV F . -33.38 30.29 -13.91
C32 BAV F . -31.88 30.39 -14.21
C35 BAV F . -31.50 29.99 -15.69
C38 BAV F . -30.17 30.57 -16.03
O39 BAV F . -29.15 29.95 -15.78
C40 BAV F . -31.96 35.79 -15.33
C44 BAV F . -27.68 35.82 -13.86
O46 BAV F . -27.74 37.07 -13.17
C48 BAV F . -26.54 35.91 -14.87
N51 BAV F . -25.35 36.42 -14.16
C53 BAV F . -24.29 36.87 -15.08
C56 BAV F . -24.70 38.02 -15.98
C57 BAV F . -25.00 39.27 -15.45
C59 BAV F . -25.35 40.35 -16.26
C60 BAV F . -25.40 40.17 -17.63
C62 BAV F . -25.09 38.93 -18.18
C64 BAV F . -24.76 37.87 -17.36
C66 BAV F . -25.70 41.71 -15.64
C68 BAV F . -24.74 42.11 -14.55
C72 BAV F . -27.10 41.70 -15.12
O76 BAV F . -28.66 34.81 -17.23
C77 BAV F . -28.41 32.24 -18.32
C81 BAV F . -31.34 32.56 -16.91
#